data_5BPI
#
_entry.id   5BPI
#
_cell.length_a   58.764
_cell.length_b   154.379
_cell.length_c   176.123
_cell.angle_alpha   90.000
_cell.angle_beta   90.000
_cell.angle_gamma   90.000
#
_symmetry.space_group_name_H-M   'P 21 21 21'
#
loop_
_entity.id
_entity.type
_entity.pdbx_description
1 polymer TrmBL2
2 polymer "DNA (5'-D(P*TP*AP*TP*AP*TP*CP*AP*TP*CP*GP*AP*TP*AP*GP*TP*GP*AP*TP*AP*TP*A)-3')"
3 polymer "DNA (5'-D(P*TP*AP*TP*AP*TP*CP*AP*CP*TP*AP*TP*CP*GP*AP*TP*GP*AP*TP*AP*TP*A)-3')"
4 non-polymer GLYCEROL
#
loop_
_entity_poly.entity_id
_entity_poly.type
_entity_poly.pdbx_seq_one_letter_code
_entity_poly.pdbx_strand_id
1 'polypeptide(L)'
;SKDRMVELLQEHFELNLYEARAYVALVAFGVLTPAELASVSEVPAPRTYDVLRSLEKKGFAMTQPGKTNKYRPVHPANVL
EKFIQDWQERVKEELEAKKKAKEELLELMAPLIETEVPKYGVERVWVVRGIKNSTLKTKEMLEEAQNEILLADDGFIAVN
LEDDIIKAVDRGVKTKILLTKNLLPRLKASKIIDYAKEGKLELRALDKFDLPMLICDEEVFFALEDLAARYFNYETQVWI
KDHRVVALFKEKFNEYWEKAEKV
;
A,B,C,D
2 'polydeoxyribonucleotide'
;(DT)(DA)(DT)(DA)(DT)(DC)(DA)(DT)(DC)(DG)(DA)(DT)(DA)(DG)(DT)(DG)(DA)(DT)(DA)(DT)
(DA)
;
E
3 'polydeoxyribonucleotide'
;(DT)(DA)(DT)(DA)(DT)(DC)(DA)(DC)(DT)(DA)(DT)(DC)(DG)(DA)(DT)(DG)(DA)(DT)(DA)(DT)
(DA)
;
F
#
loop_
_chem_comp.id
_chem_comp.type
_chem_comp.name
_chem_comp.formula
DA DNA linking 2'-DEOXYADENOSINE-5'-MONOPHOSPHATE 'C10 H14 N5 O6 P'
DC DNA linking 2'-DEOXYCYTIDINE-5'-MONOPHOSPHATE 'C9 H14 N3 O7 P'
DG DNA linking 2'-DEOXYGUANOSINE-5'-MONOPHOSPHATE 'C10 H14 N5 O7 P'
DT DNA linking THYMIDINE-5'-MONOPHOSPHATE 'C10 H15 N2 O8 P'
GOL non-polymer GLYCEROL 'C3 H8 O3'
#
# COMPACT_ATOMS: atom_id res chain seq x y z
N SER A 1 19.15 9.55 38.53
CA SER A 1 19.18 10.87 37.92
C SER A 1 18.00 11.06 36.97
N LYS A 2 17.85 12.28 36.46
CA LYS A 2 16.80 12.57 35.50
C LYS A 2 17.06 11.84 34.19
N ASP A 3 18.34 11.62 33.91
CA ASP A 3 18.76 10.88 32.72
C ASP A 3 18.03 9.55 32.61
N ARG A 4 17.96 8.83 33.72
CA ARG A 4 17.31 7.52 33.74
C ARG A 4 15.83 7.62 33.37
N MET A 5 15.13 8.58 33.99
CA MET A 5 13.72 8.78 33.69
C MET A 5 13.52 9.11 32.21
N VAL A 6 14.33 10.03 31.70
CA VAL A 6 14.27 10.41 30.30
C VAL A 6 14.60 9.21 29.42
N GLU A 7 15.67 8.51 29.78
CA GLU A 7 16.12 7.34 29.03
C GLU A 7 15.04 6.28 28.94
N LEU A 8 14.28 6.12 30.02
CA LEU A 8 13.25 5.09 30.07
C LEU A 8 12.04 5.44 29.22
N LEU A 9 11.72 6.73 29.16
CA LEU A 9 10.55 7.20 28.40
C LEU A 9 10.77 7.00 26.90
N GLN A 10 11.96 7.35 26.43
CA GLN A 10 12.29 7.26 25.02
C GLN A 10 12.21 5.83 24.51
N GLU A 11 12.60 4.89 25.36
CA GLU A 11 12.74 3.49 24.94
C GLU A 11 11.42 2.73 24.94
N HIS A 12 10.56 3.02 25.91
CA HIS A 12 9.37 2.20 26.12
C HIS A 12 8.05 2.96 26.05
N PHE A 13 8.11 4.25 25.76
CA PHE A 13 6.88 5.05 25.73
C PHE A 13 6.81 5.99 24.54
N GLU A 14 7.62 5.71 23.52
CA GLU A 14 7.50 6.40 22.23
C GLU A 14 7.57 7.92 22.34
N LEU A 15 8.40 8.42 23.25
CA LEU A 15 8.66 9.86 23.34
C LEU A 15 10.10 10.15 22.95
N ASN A 16 10.30 11.23 22.20
CA ASN A 16 11.65 11.62 21.79
C ASN A 16 12.36 12.34 22.92
N LEU A 17 13.60 12.76 22.66
CA LEU A 17 14.42 13.39 23.68
C LEU A 17 13.74 14.62 24.26
N TYR A 18 13.36 15.56 23.40
CA TYR A 18 12.76 16.80 23.83
C TYR A 18 11.44 16.55 24.56
N GLU A 19 10.59 15.69 23.99
CA GLU A 19 9.31 15.37 24.61
C GLU A 19 9.52 14.73 25.96
N ALA A 20 10.58 13.93 26.08
CA ALA A 20 10.90 13.25 27.33
C ALA A 20 11.31 14.27 28.39
N ARG A 21 12.34 15.05 28.09
CA ARG A 21 12.82 16.09 29.00
C ARG A 21 11.67 17.00 29.42
N ALA A 22 10.77 17.26 28.49
CA ALA A 22 9.63 18.13 28.75
C ALA A 22 8.74 17.56 29.84
N TYR A 23 8.30 16.31 29.66
CA TYR A 23 7.41 15.69 30.61
C TYR A 23 8.05 15.58 31.99
N VAL A 24 9.34 15.27 32.01
CA VAL A 24 10.07 15.18 33.26
C VAL A 24 10.01 16.52 33.98
N ALA A 25 10.22 17.59 33.24
CA ALA A 25 10.16 18.93 33.80
C ALA A 25 8.75 19.24 34.32
N LEU A 26 7.74 18.73 33.62
CA LEU A 26 6.36 18.97 34.00
C LEU A 26 6.06 18.38 35.37
N VAL A 27 6.48 17.14 35.58
CA VAL A 27 6.25 16.45 36.84
C VAL A 27 7.04 17.10 37.96
N ALA A 28 8.22 17.62 37.63
CA ALA A 28 9.10 18.22 38.62
C ALA A 28 8.56 19.53 39.17
N PHE A 29 7.99 20.37 38.30
CA PHE A 29 7.58 21.71 38.68
C PHE A 29 6.06 21.88 38.74
N GLY A 30 5.32 20.89 38.26
CA GLY A 30 3.87 20.92 38.36
C GLY A 30 3.18 21.60 37.20
N VAL A 31 3.30 22.92 37.14
CA VAL A 31 2.69 23.69 36.06
C VAL A 31 3.74 24.61 35.44
N LEU A 32 3.88 24.52 34.11
CA LEU A 32 4.90 25.29 33.42
C LEU A 32 4.39 25.89 32.11
N THR A 33 4.98 27.02 31.73
CA THR A 33 4.74 27.60 30.43
C THR A 33 5.95 27.33 29.53
N PRO A 34 5.75 27.35 28.21
CA PRO A 34 6.83 27.05 27.26
C PRO A 34 8.10 27.82 27.57
N ALA A 35 7.98 29.11 27.88
CA ALA A 35 9.13 29.94 28.18
C ALA A 35 9.83 29.46 29.45
N GLU A 36 9.04 29.06 30.44
CA GLU A 36 9.58 28.61 31.72
C GLU A 36 10.31 27.28 31.55
N LEU A 37 9.78 26.42 30.70
CA LEU A 37 10.36 25.10 30.47
C LEU A 37 11.80 25.19 29.99
N ALA A 38 12.11 26.27 29.28
CA ALA A 38 13.45 26.48 28.74
C ALA A 38 14.48 26.74 29.83
N SER A 39 14.02 27.34 30.93
CA SER A 39 14.92 27.73 32.01
C SER A 39 15.16 26.61 33.00
N VAL A 40 14.27 25.63 33.01
CA VAL A 40 14.36 24.53 33.97
C VAL A 40 14.54 23.19 33.27
N SER A 41 15.05 23.23 32.04
CA SER A 41 15.28 22.01 31.28
C SER A 41 16.35 22.19 30.20
N GLU A 42 16.54 21.16 29.40
CA GLU A 42 17.53 21.19 28.33
C GLU A 42 16.84 21.29 26.97
N VAL A 43 15.54 21.56 26.99
CA VAL A 43 14.76 21.72 25.77
C VAL A 43 15.00 23.10 25.17
N PRO A 44 15.41 23.15 23.90
CA PRO A 44 15.63 24.42 23.20
C PRO A 44 14.42 25.34 23.28
N ALA A 45 14.65 26.61 23.57
CA ALA A 45 13.57 27.59 23.70
C ALA A 45 12.58 27.53 22.53
N PRO A 46 13.08 27.59 21.29
CA PRO A 46 12.21 27.63 20.10
C PRO A 46 11.32 26.40 19.95
N ARG A 47 11.71 25.27 20.54
CA ARG A 47 10.99 24.02 20.36
C ARG A 47 9.96 23.79 21.45
N THR A 48 10.07 24.53 22.55
CA THR A 48 9.23 24.31 23.74
C THR A 48 7.74 24.45 23.46
N TYR A 49 7.38 25.15 22.39
CA TYR A 49 5.98 25.43 22.09
C TYR A 49 5.29 24.24 21.43
N ASP A 50 5.99 23.61 20.49
CA ASP A 50 5.42 22.48 19.76
C ASP A 50 5.65 21.18 20.54
N VAL A 51 6.64 21.19 21.42
CA VAL A 51 6.94 20.03 22.26
C VAL A 51 5.80 19.80 23.25
N LEU A 52 5.45 20.85 23.99
CA LEU A 52 4.38 20.76 24.96
C LEU A 52 3.07 20.40 24.26
N ARG A 53 2.88 20.93 23.06
CA ARG A 53 1.71 20.62 22.26
C ARG A 53 1.74 19.15 21.86
N SER A 54 2.94 18.63 21.65
CA SER A 54 3.13 17.23 21.28
C SER A 54 2.75 16.32 22.44
N LEU A 55 3.19 16.68 23.64
CA LEU A 55 2.82 15.93 24.83
C LEU A 55 1.32 16.05 25.06
N GLU A 56 0.78 17.20 24.69
CA GLU A 56 -0.65 17.48 24.85
C GLU A 56 -1.52 16.50 24.07
N LYS A 57 -1.03 16.05 22.93
CA LYS A 57 -1.79 15.16 22.06
C LYS A 57 -1.61 13.70 22.46
N LYS A 58 -0.42 13.38 22.95
CA LYS A 58 -0.11 12.01 23.33
C LYS A 58 -0.76 11.67 24.67
N GLY A 59 -1.21 12.69 25.39
CA GLY A 59 -1.91 12.48 26.64
C GLY A 59 -1.00 12.53 27.87
N PHE A 60 0.11 13.25 27.75
CA PHE A 60 1.06 13.36 28.85
C PHE A 60 0.88 14.66 29.64
N ALA A 61 0.25 15.65 29.02
CA ALA A 61 0.08 16.95 29.67
C ALA A 61 -1.27 17.58 29.35
N MET A 62 -1.73 18.45 30.26
CA MET A 62 -2.95 19.22 30.03
C MET A 62 -2.55 20.68 29.80
N THR A 63 -3.41 21.43 29.14
CA THR A 63 -3.05 22.78 28.73
C THR A 63 -4.14 23.81 29.00
N GLN A 64 -3.72 25.06 29.17
CA GLN A 64 -4.64 26.18 29.24
C GLN A 64 -4.45 27.08 28.01
N PRO A 65 -5.27 26.84 26.96
CA PRO A 65 -5.18 27.57 25.70
C PRO A 65 -5.37 29.08 25.87
N GLY A 66 -4.30 29.84 25.66
CA GLY A 66 -4.36 31.29 25.75
C GLY A 66 -3.12 31.94 25.18
N LYS A 67 -3.00 33.25 25.38
CA LYS A 67 -1.82 33.98 24.94
C LYS A 67 -0.57 33.38 25.60
N THR A 68 -0.74 32.89 26.82
CA THR A 68 0.33 32.20 27.52
C THR A 68 -0.13 30.80 27.91
N ASN A 69 0.15 29.83 27.04
CA ASN A 69 -0.30 28.45 27.26
C ASN A 69 0.29 27.85 28.52
N LYS A 70 -0.57 27.46 29.46
CA LYS A 70 -0.15 26.76 30.65
C LYS A 70 -0.29 25.26 30.44
N TYR A 71 0.74 24.50 30.79
CA TYR A 71 0.72 23.05 30.62
C TYR A 71 0.98 22.33 31.94
N ARG A 72 0.15 21.34 32.22
CA ARG A 72 0.33 20.49 33.39
C ARG A 72 0.43 19.03 32.98
N PRO A 73 1.32 18.28 33.65
CA PRO A 73 1.52 16.85 33.34
C PRO A 73 0.41 16.00 33.93
N VAL A 74 0.06 14.91 33.24
CA VAL A 74 -0.86 13.93 33.79
C VAL A 74 -0.08 13.02 34.71
N HIS A 75 -0.72 12.51 35.76
CA HIS A 75 -0.04 11.64 36.70
C HIS A 75 0.56 10.44 35.98
N PRO A 76 1.88 10.28 36.05
CA PRO A 76 2.59 9.22 35.33
C PRO A 76 2.04 7.83 35.65
N ALA A 77 1.46 7.68 36.83
CA ALA A 77 0.82 6.42 37.21
C ALA A 77 -0.43 6.19 36.36
N ASN A 78 -0.92 7.25 35.73
CA ASN A 78 -2.10 7.16 34.88
C ASN A 78 -1.71 6.96 33.42
N VAL A 79 -1.03 7.95 32.85
CA VAL A 79 -0.68 7.95 31.44
C VAL A 79 0.15 6.74 31.05
N LEU A 80 1.15 6.40 31.86
CA LEU A 80 2.07 5.33 31.54
C LEU A 80 1.38 4.00 31.29
N GLU A 81 0.30 3.73 32.02
CA GLU A 81 -0.44 2.49 31.84
C GLU A 81 -1.47 2.62 30.73
N LYS A 82 -2.14 3.77 30.68
CA LYS A 82 -3.14 4.01 29.64
C LYS A 82 -2.48 3.88 28.28
N PHE A 83 -1.22 4.27 28.22
CA PHE A 83 -0.40 4.08 27.02
C PHE A 83 -0.28 2.60 26.70
N ILE A 84 0.08 1.82 27.71
CA ILE A 84 0.22 0.37 27.57
C ILE A 84 -1.09 -0.25 27.12
N GLN A 85 -2.19 0.14 27.77
CA GLN A 85 -3.50 -0.41 27.42
C GLN A 85 -3.81 -0.16 25.95
N ASP A 86 -3.46 1.03 25.48
CA ASP A 86 -3.62 1.35 24.06
C ASP A 86 -2.60 0.59 23.22
N TRP A 87 -1.39 0.48 23.74
CA TRP A 87 -0.31 -0.21 23.05
C TRP A 87 -0.68 -1.67 22.76
N GLN A 88 -1.37 -2.30 23.70
CA GLN A 88 -1.80 -3.68 23.52
C GLN A 88 -2.93 -3.79 22.50
N GLU A 89 -3.74 -2.75 22.39
CA GLU A 89 -4.84 -2.74 21.43
C GLU A 89 -4.30 -2.61 20.01
N ARG A 90 -3.24 -1.82 19.87
CA ARG A 90 -2.60 -1.61 18.57
C ARG A 90 -1.81 -2.85 18.13
N VAL A 91 -1.20 -3.54 19.08
CA VAL A 91 -0.44 -4.74 18.77
C VAL A 91 -1.36 -5.89 18.40
N LYS A 92 -2.51 -5.96 19.07
CA LYS A 92 -3.48 -7.02 18.82
C LYS A 92 -4.02 -6.98 17.39
N GLU A 93 -4.41 -5.79 16.94
CA GLU A 93 -4.97 -5.63 15.60
C GLU A 93 -3.89 -5.82 14.55
N GLU A 94 -2.67 -5.38 14.86
CA GLU A 94 -1.55 -5.56 13.95
C GLU A 94 -1.29 -7.05 13.79
N LEU A 95 -1.52 -7.80 14.85
CA LEU A 95 -1.38 -9.26 14.82
C LEU A 95 -2.43 -9.87 13.89
N GLU A 96 -3.69 -9.50 14.11
CA GLU A 96 -4.78 -9.98 13.29
C GLU A 96 -4.57 -9.60 11.82
N ALA A 97 -3.93 -8.44 11.62
CA ALA A 97 -3.65 -7.97 10.27
C ALA A 97 -2.59 -8.84 9.60
N LYS A 98 -1.60 -9.25 10.38
CA LYS A 98 -0.54 -10.12 9.88
C LYS A 98 -1.08 -11.50 9.56
N LYS A 99 -2.05 -11.95 10.36
CA LYS A 99 -2.64 -13.26 10.18
C LYS A 99 -3.60 -13.27 9.01
N LYS A 100 -4.45 -12.24 8.91
CA LYS A 100 -5.36 -12.11 7.80
C LYS A 100 -4.58 -12.03 6.49
N ALA A 101 -3.43 -11.37 6.55
CA ALA A 101 -2.52 -11.29 5.42
C ALA A 101 -1.95 -12.66 5.08
N LYS A 102 -1.67 -13.45 6.12
CA LYS A 102 -1.09 -14.78 5.96
C LYS A 102 -1.99 -15.71 5.15
N GLU A 103 -3.28 -15.76 5.49
CA GLU A 103 -4.21 -16.64 4.82
C GLU A 103 -4.31 -16.28 3.34
N GLU A 104 -4.33 -14.98 3.06
CA GLU A 104 -4.44 -14.50 1.68
C GLU A 104 -3.26 -14.96 0.84
N LEU A 105 -2.06 -14.81 1.39
CA LEU A 105 -0.84 -15.23 0.70
C LEU A 105 -0.88 -16.72 0.40
N LEU A 106 -1.35 -17.51 1.36
CA LEU A 106 -1.40 -18.97 1.19
C LEU A 106 -2.41 -19.37 0.12
N GLU A 107 -3.39 -18.51 -0.13
CA GLU A 107 -4.37 -18.78 -1.18
C GLU A 107 -3.81 -18.43 -2.56
N LEU A 108 -3.16 -17.27 -2.64
CA LEU A 108 -2.60 -16.81 -3.90
C LEU A 108 -1.39 -17.62 -4.31
N MET A 109 -0.64 -18.11 -3.32
CA MET A 109 0.59 -18.84 -3.59
C MET A 109 0.36 -20.34 -3.77
N ALA A 110 -0.79 -20.81 -3.30
CA ALA A 110 -1.12 -22.24 -3.36
C ALA A 110 -0.89 -22.84 -4.75
N PRO A 111 -1.47 -22.22 -5.80
CA PRO A 111 -1.33 -22.72 -7.16
C PRO A 111 0.10 -22.61 -7.71
N LEU A 112 0.86 -21.64 -7.22
CA LEU A 112 2.20 -21.39 -7.76
C LEU A 112 3.22 -22.35 -7.18
N ILE A 113 3.09 -22.67 -5.90
CA ILE A 113 4.02 -23.57 -5.23
C ILE A 113 3.87 -25.00 -5.75
N GLU A 114 4.97 -25.56 -6.27
CA GLU A 114 4.96 -26.93 -6.75
C GLU A 114 6.26 -27.63 -6.34
N THR A 115 6.21 -28.94 -6.21
CA THR A 115 7.38 -29.69 -5.74
C THR A 115 8.42 -29.90 -6.83
N GLU A 116 8.24 -29.23 -7.96
CA GLU A 116 9.20 -29.29 -9.05
C GLU A 116 10.54 -28.70 -8.61
N VAL A 117 11.58 -29.53 -8.64
CA VAL A 117 12.92 -29.13 -8.24
C VAL A 117 13.91 -29.61 -9.30
N PRO A 118 14.11 -28.80 -10.36
CA PRO A 118 14.98 -29.19 -11.46
C PRO A 118 16.42 -29.42 -11.03
N LYS A 119 17.13 -30.25 -11.77
CA LYS A 119 18.49 -30.61 -11.45
C LYS A 119 19.46 -29.49 -11.80
N TYR A 120 19.24 -28.87 -12.94
CA TYR A 120 20.15 -27.85 -13.45
C TYR A 120 19.42 -26.64 -14.03
N GLY A 121 18.84 -25.83 -13.14
CA GLY A 121 18.15 -24.62 -13.55
C GLY A 121 16.73 -24.82 -14.04
N VAL A 122 15.98 -23.71 -14.11
CA VAL A 122 14.62 -23.73 -14.62
C VAL A 122 14.63 -23.43 -16.12
N GLU A 123 15.54 -24.09 -16.82
CA GLU A 123 15.62 -24.00 -18.27
C GLU A 123 15.01 -25.22 -18.92
N ARG A 124 14.05 -25.01 -19.81
CA ARG A 124 13.38 -26.10 -20.50
C ARG A 124 13.84 -26.18 -21.95
N VAL A 125 14.79 -25.33 -22.31
CA VAL A 125 15.33 -25.32 -23.66
C VAL A 125 16.83 -25.10 -23.64
N TRP A 126 17.57 -26.02 -24.25
CA TRP A 126 19.01 -25.92 -24.33
C TRP A 126 19.50 -26.23 -25.74
N VAL A 127 20.47 -25.46 -26.21
CA VAL A 127 21.06 -25.70 -27.51
C VAL A 127 22.48 -26.21 -27.31
N VAL A 128 22.76 -27.41 -27.81
CA VAL A 128 24.07 -28.01 -27.56
C VAL A 128 24.79 -28.37 -28.86
N ARG A 129 26.07 -28.03 -28.90
CA ARG A 129 26.93 -28.37 -30.03
C ARG A 129 28.21 -29.02 -29.51
N GLY A 130 28.79 -29.91 -30.31
CA GLY A 130 30.01 -30.58 -29.91
C GLY A 130 29.78 -31.93 -29.25
N ILE A 131 30.82 -32.76 -29.25
CA ILE A 131 30.73 -34.09 -28.66
C ILE A 131 30.73 -34.05 -27.14
N LYS A 132 31.56 -33.18 -26.56
CA LYS A 132 31.65 -33.06 -25.11
C LYS A 132 30.32 -32.59 -24.51
N ASN A 133 29.77 -31.51 -25.05
CA ASN A 133 28.53 -30.95 -24.55
C ASN A 133 27.36 -31.88 -24.86
N SER A 134 27.43 -32.58 -25.99
CA SER A 134 26.39 -33.50 -26.40
C SER A 134 26.26 -34.68 -25.44
N THR A 135 27.40 -35.24 -25.04
CA THR A 135 27.41 -36.41 -24.19
C THR A 135 26.95 -36.09 -22.77
N LEU A 136 27.45 -34.99 -22.22
CA LEU A 136 27.12 -34.59 -20.85
C LEU A 136 25.61 -34.42 -20.67
N LYS A 137 24.97 -33.75 -21.62
CA LYS A 137 23.53 -33.52 -21.54
C LYS A 137 22.76 -34.81 -21.77
N THR A 138 23.36 -35.72 -22.52
CA THR A 138 22.73 -37.02 -22.79
C THR A 138 22.71 -37.88 -21.53
N LYS A 139 23.82 -37.87 -20.80
CA LYS A 139 23.93 -38.64 -19.57
C LYS A 139 23.00 -38.10 -18.50
N GLU A 140 22.89 -36.78 -18.42
CA GLU A 140 21.99 -36.14 -17.47
C GLU A 140 20.57 -36.66 -17.65
N MET A 141 20.16 -36.81 -18.90
CA MET A 141 18.84 -37.31 -19.21
C MET A 141 18.67 -38.74 -18.73
N LEU A 142 19.70 -39.56 -18.92
CA LEU A 142 19.67 -40.96 -18.51
C LEU A 142 19.73 -41.07 -17.00
N GLU A 143 20.58 -40.25 -16.39
CA GLU A 143 20.75 -40.25 -14.94
C GLU A 143 19.58 -39.56 -14.25
N GLU A 144 18.58 -39.16 -15.05
CA GLU A 144 17.42 -38.46 -14.52
C GLU A 144 16.12 -39.13 -14.97
N ALA A 145 16.23 -40.11 -15.85
CA ALA A 145 15.06 -40.85 -16.30
C ALA A 145 14.41 -41.54 -15.11
N GLN A 146 13.08 -41.64 -15.15
CA GLN A 146 12.35 -42.26 -14.04
C GLN A 146 11.25 -43.19 -14.53
N ASN A 147 10.66 -42.86 -15.68
CA ASN A 147 9.52 -43.63 -16.19
C ASN A 147 9.90 -44.45 -17.43
N GLU A 148 10.19 -43.76 -18.52
CA GLU A 148 10.45 -44.44 -19.79
C GLU A 148 11.58 -43.75 -20.57
N ILE A 149 12.34 -44.56 -21.31
CA ILE A 149 13.41 -44.04 -22.15
C ILE A 149 13.26 -44.58 -23.57
N LEU A 150 12.93 -43.70 -24.51
CA LEU A 150 12.78 -44.09 -25.91
C LEU A 150 13.92 -43.52 -26.74
N LEU A 151 14.61 -44.38 -27.48
CA LEU A 151 15.76 -43.95 -28.27
C LEU A 151 15.68 -44.40 -29.71
N ALA A 152 15.88 -43.45 -30.62
CA ALA A 152 15.97 -43.75 -32.05
C ALA A 152 17.28 -43.19 -32.61
N ASP A 153 18.31 -44.02 -32.63
CA ASP A 153 19.65 -43.58 -33.01
C ASP A 153 20.07 -44.09 -34.39
N ASP A 154 20.59 -43.19 -35.20
CA ASP A 154 21.15 -43.55 -36.50
C ASP A 154 22.60 -43.11 -36.57
N GLY A 155 23.23 -43.01 -35.40
CA GLY A 155 24.62 -42.62 -35.31
C GLY A 155 24.87 -41.13 -35.13
N PHE A 156 23.81 -40.39 -34.79
CA PHE A 156 23.96 -38.96 -34.54
C PHE A 156 24.44 -38.76 -33.11
N ILE A 157 24.25 -39.78 -32.28
CA ILE A 157 24.80 -39.80 -30.93
C ILE A 157 26.32 -39.97 -31.04
N ALA A 158 27.06 -39.17 -30.27
CA ALA A 158 28.51 -39.14 -30.38
C ALA A 158 29.18 -40.35 -29.77
N VAL A 159 28.60 -40.91 -28.71
CA VAL A 159 29.23 -42.00 -27.99
C VAL A 159 28.24 -43.10 -27.62
N ASN A 160 28.75 -44.33 -27.52
CA ASN A 160 27.95 -45.45 -27.06
C ASN A 160 27.63 -45.28 -25.57
N LEU A 161 26.40 -45.58 -25.20
CA LEU A 161 25.95 -45.34 -23.83
C LEU A 161 25.33 -46.59 -23.20
N GLU A 162 25.77 -47.76 -23.63
CA GLU A 162 25.25 -49.02 -23.11
C GLU A 162 25.22 -49.04 -21.58
N ASP A 163 26.31 -48.61 -20.96
CA ASP A 163 26.42 -48.61 -19.51
C ASP A 163 25.52 -47.56 -18.89
N ASP A 164 25.46 -46.38 -19.51
CA ASP A 164 24.60 -45.31 -19.03
C ASP A 164 23.14 -45.71 -19.15
N ILE A 165 22.84 -46.54 -20.15
CA ILE A 165 21.49 -47.04 -20.35
C ILE A 165 21.19 -48.12 -19.32
N ILE A 166 22.11 -49.06 -19.16
CA ILE A 166 21.94 -50.15 -18.21
C ILE A 166 21.81 -49.61 -16.79
N LYS A 167 22.60 -48.58 -16.46
CA LYS A 167 22.52 -47.96 -15.14
C LYS A 167 21.11 -47.48 -14.85
N ALA A 168 20.40 -47.05 -15.89
CA ALA A 168 19.02 -46.61 -15.75
C ALA A 168 18.06 -47.78 -15.77
N VAL A 169 18.34 -48.73 -16.66
CA VAL A 169 17.49 -49.91 -16.81
C VAL A 169 17.40 -50.65 -15.48
N ASP A 170 18.54 -50.81 -14.83
CA ASP A 170 18.60 -51.48 -13.54
C ASP A 170 17.87 -50.68 -12.46
N ARG A 171 17.60 -49.42 -12.76
CA ARG A 171 16.89 -48.56 -11.81
C ARG A 171 15.38 -48.70 -11.96
N GLY A 172 14.97 -49.64 -12.81
CA GLY A 172 13.55 -49.92 -12.99
C GLY A 172 12.89 -49.10 -14.07
N VAL A 173 13.68 -48.61 -15.02
CA VAL A 173 13.16 -47.75 -16.08
C VAL A 173 12.88 -48.57 -17.35
N LYS A 174 11.61 -48.56 -17.76
CA LYS A 174 11.23 -49.21 -19.01
C LYS A 174 11.93 -48.54 -20.18
N THR A 175 12.55 -49.34 -21.05
CA THR A 175 13.37 -48.80 -22.12
C THR A 175 13.04 -49.40 -23.47
N LYS A 176 12.98 -48.56 -24.50
CA LYS A 176 12.78 -49.01 -25.86
C LYS A 176 13.92 -48.48 -26.73
N ILE A 177 14.59 -49.38 -27.44
CA ILE A 177 15.72 -49.00 -28.28
C ILE A 177 15.40 -49.26 -29.75
N LEU A 178 15.60 -48.24 -30.57
CA LEU A 178 15.42 -48.37 -32.01
C LEU A 178 16.66 -47.89 -32.74
N LEU A 179 17.25 -48.76 -33.54
CA LEU A 179 18.50 -48.47 -34.23
C LEU A 179 18.41 -48.81 -35.70
N THR A 180 19.25 -48.16 -36.51
CA THR A 180 19.38 -48.54 -37.91
C THR A 180 20.25 -49.80 -37.96
N LYS A 181 19.86 -50.75 -38.80
CA LYS A 181 20.54 -52.05 -38.83
C LYS A 181 21.98 -51.91 -39.28
N ASN A 182 22.35 -50.73 -39.76
CA ASN A 182 23.72 -50.45 -40.15
C ASN A 182 24.52 -49.99 -38.93
N LEU A 183 24.00 -50.29 -37.75
CA LEU A 183 24.68 -49.95 -36.50
C LEU A 183 24.81 -51.20 -35.64
N LEU A 184 23.92 -52.17 -35.87
CA LEU A 184 23.93 -53.43 -35.16
C LEU A 184 25.28 -54.12 -35.21
N PRO A 185 25.93 -54.15 -36.39
CA PRO A 185 27.26 -54.74 -36.49
C PRO A 185 28.24 -54.11 -35.51
N ARG A 186 27.94 -52.88 -35.08
CA ARG A 186 28.76 -52.18 -34.10
C ARG A 186 28.43 -52.66 -32.69
N LEU A 187 27.49 -53.59 -32.58
CA LEU A 187 27.01 -54.04 -31.28
C LEU A 187 27.38 -55.48 -30.96
N LYS A 188 28.17 -56.10 -31.82
CA LYS A 188 28.64 -57.46 -31.57
C LYS A 188 29.54 -57.43 -30.35
N ALA A 189 29.39 -58.42 -29.48
CA ALA A 189 30.17 -58.49 -28.24
C ALA A 189 29.62 -57.50 -27.20
N SER A 190 28.92 -56.48 -27.66
CA SER A 190 28.31 -55.51 -26.76
C SER A 190 27.29 -56.20 -25.88
N LYS A 191 27.32 -55.90 -24.59
CA LYS A 191 26.45 -56.58 -23.65
C LYS A 191 25.24 -55.72 -23.29
N ILE A 192 24.62 -55.14 -24.31
CA ILE A 192 23.35 -54.45 -24.13
C ILE A 192 22.21 -55.35 -24.60
N ILE A 193 22.45 -56.07 -25.70
CA ILE A 193 21.46 -56.98 -26.27
C ILE A 193 21.05 -58.03 -25.25
N ASP A 194 21.96 -58.36 -24.35
CA ASP A 194 21.66 -59.31 -23.28
C ASP A 194 20.40 -58.88 -22.53
N TYR A 195 20.37 -57.62 -22.11
CA TYR A 195 19.21 -57.05 -21.46
C TYR A 195 18.01 -57.10 -22.39
N ALA A 196 18.27 -56.97 -23.69
CA ALA A 196 17.24 -57.03 -24.70
C ALA A 196 16.74 -58.46 -24.87
N LYS A 197 17.68 -59.39 -25.08
CA LYS A 197 17.34 -60.79 -25.26
C LYS A 197 16.72 -61.36 -23.99
N GLU A 198 17.22 -60.92 -22.84
CA GLU A 198 16.70 -61.38 -21.56
C GLU A 198 15.37 -60.72 -21.25
N GLY A 199 15.00 -59.72 -22.05
CA GLY A 199 13.73 -59.03 -21.89
C GLY A 199 13.74 -58.01 -20.76
N LYS A 200 14.91 -57.49 -20.43
CA LYS A 200 15.03 -56.44 -19.43
C LYS A 200 14.72 -55.09 -20.08
N LEU A 201 14.70 -55.09 -21.40
CA LEU A 201 14.33 -53.92 -22.18
C LEU A 201 13.95 -54.37 -23.58
N GLU A 202 13.38 -53.46 -24.37
CA GLU A 202 12.96 -53.79 -25.72
C GLU A 202 13.91 -53.21 -26.75
N LEU A 203 14.39 -54.06 -27.65
CA LEU A 203 15.34 -53.65 -28.68
C LEU A 203 14.88 -54.06 -30.08
N ARG A 204 14.60 -53.07 -30.92
CA ARG A 204 14.21 -53.33 -32.30
C ARG A 204 15.13 -52.61 -33.27
N ALA A 205 14.94 -52.85 -34.56
CA ALA A 205 15.77 -52.24 -35.59
C ALA A 205 14.96 -51.89 -36.82
N LEU A 206 15.37 -50.83 -37.52
CA LEU A 206 14.68 -50.41 -38.72
C LEU A 206 15.68 -50.06 -39.83
N ASP A 207 15.24 -50.22 -41.08
CA ASP A 207 16.09 -49.92 -42.23
C ASP A 207 16.56 -48.47 -42.19
N LYS A 208 15.62 -47.54 -42.15
CA LYS A 208 15.95 -46.12 -42.12
C LYS A 208 14.84 -45.28 -41.48
N PHE A 209 15.22 -44.13 -40.96
CA PHE A 209 14.27 -43.15 -40.41
C PHE A 209 14.96 -41.80 -40.33
N ASP A 210 14.23 -40.74 -40.66
CA ASP A 210 14.84 -39.42 -40.79
C ASP A 210 14.58 -38.50 -39.60
N LEU A 211 14.14 -39.06 -38.48
CA LEU A 211 13.93 -38.27 -37.28
C LEU A 211 14.41 -38.95 -36.01
N PRO A 212 15.73 -38.94 -35.78
CA PRO A 212 16.33 -39.45 -34.55
C PRO A 212 15.91 -38.62 -33.34
N MET A 213 15.81 -39.25 -32.18
CA MET A 213 15.38 -38.55 -30.96
C MET A 213 15.73 -39.35 -29.71
N LEU A 214 15.82 -38.64 -28.58
CA LEU A 214 16.05 -39.29 -27.29
C LEU A 214 15.07 -38.74 -26.26
N ILE A 215 14.05 -39.54 -25.95
CA ILE A 215 13.00 -39.11 -25.02
C ILE A 215 13.26 -39.65 -23.62
N CYS A 216 13.39 -38.75 -22.65
CA CYS A 216 13.52 -39.12 -21.26
C CYS A 216 12.48 -38.39 -20.43
N ASP A 217 11.37 -39.06 -20.15
CA ASP A 217 10.27 -38.45 -19.41
C ASP A 217 9.68 -37.27 -20.17
N GLU A 218 9.70 -36.10 -19.54
CA GLU A 218 9.16 -34.89 -20.15
C GLU A 218 10.16 -34.23 -21.09
N GLU A 219 11.37 -34.76 -21.12
CA GLU A 219 12.43 -34.18 -21.94
C GLU A 219 12.62 -34.90 -23.26
N VAL A 220 13.08 -34.19 -24.27
CA VAL A 220 13.38 -34.77 -25.57
C VAL A 220 14.63 -34.13 -26.14
N PHE A 221 15.44 -34.90 -26.86
CA PHE A 221 16.70 -34.41 -27.40
C PHE A 221 16.86 -34.84 -28.85
N PHE A 222 17.00 -33.87 -29.74
CA PHE A 222 17.12 -34.14 -31.16
C PHE A 222 18.05 -33.14 -31.83
N ALA A 223 18.41 -33.42 -33.07
CA ALA A 223 19.33 -32.56 -33.80
C ALA A 223 18.67 -31.95 -35.03
N LEU A 224 19.08 -30.74 -35.39
CA LEU A 224 18.61 -30.09 -36.60
C LEU A 224 19.47 -30.56 -37.77
N GLU A 225 18.94 -31.50 -38.54
CA GLU A 225 19.72 -32.24 -39.53
C GLU A 225 20.63 -31.36 -40.39
N ASP A 226 21.92 -31.59 -40.25
CA ASP A 226 22.94 -30.95 -41.08
C ASP A 226 24.09 -31.93 -41.25
N LEU A 227 23.90 -32.88 -42.15
CA LEU A 227 24.84 -33.99 -42.32
C LEU A 227 26.28 -33.52 -42.44
N ALA A 228 26.46 -32.35 -43.03
CA ALA A 228 27.78 -31.76 -43.16
C ALA A 228 28.40 -31.54 -41.77
N ALA A 229 27.58 -31.11 -40.83
CA ALA A 229 28.04 -30.84 -39.47
C ALA A 229 28.21 -32.13 -38.67
N ARG A 230 27.28 -33.07 -38.88
CA ARG A 230 27.33 -34.34 -38.15
C ARG A 230 28.65 -35.05 -38.36
N TYR A 231 29.20 -34.95 -39.57
CA TYR A 231 30.49 -35.56 -39.86
C TYR A 231 31.59 -34.96 -39.00
N PHE A 232 31.57 -33.64 -38.85
CA PHE A 232 32.54 -32.96 -38.01
C PHE A 232 32.09 -32.97 -36.56
N ASN A 233 31.02 -33.72 -36.29
CA ASN A 233 30.48 -33.83 -34.95
C ASN A 233 30.26 -32.47 -34.29
N TYR A 234 29.71 -31.54 -35.06
CA TYR A 234 29.40 -30.20 -34.54
C TYR A 234 27.97 -29.84 -34.89
N GLU A 235 27.19 -30.86 -35.23
CA GLU A 235 25.78 -30.68 -35.55
C GLU A 235 25.02 -30.07 -34.37
N THR A 236 24.08 -29.19 -34.65
CA THR A 236 23.34 -28.50 -33.61
C THR A 236 22.20 -29.36 -33.07
N GLN A 237 22.16 -29.53 -31.76
CA GLN A 237 21.15 -30.35 -31.11
C GLN A 237 20.36 -29.53 -30.09
N VAL A 238 19.11 -29.92 -29.86
CA VAL A 238 18.22 -29.14 -29.00
C VAL A 238 17.60 -29.99 -27.90
N TRP A 239 17.62 -29.47 -26.68
CA TRP A 239 17.00 -30.13 -25.54
C TRP A 239 15.75 -29.36 -25.11
N ILE A 240 14.61 -30.05 -25.08
CA ILE A 240 13.34 -29.41 -24.76
C ILE A 240 12.63 -30.16 -23.64
N LYS A 241 12.17 -29.42 -22.64
CA LYS A 241 11.46 -30.03 -21.52
C LYS A 241 10.01 -29.53 -21.47
N ASP A 242 9.10 -30.34 -21.98
CA ASP A 242 7.68 -30.01 -22.00
C ASP A 242 6.85 -31.22 -22.40
N HIS A 243 5.81 -31.51 -21.63
CA HIS A 243 5.03 -32.73 -21.83
C HIS A 243 4.22 -32.67 -23.13
N ARG A 244 3.78 -31.47 -23.50
CA ARG A 244 3.01 -31.30 -24.72
C ARG A 244 3.86 -31.57 -25.96
N VAL A 245 5.08 -31.05 -25.98
CA VAL A 245 5.98 -31.26 -27.11
C VAL A 245 6.42 -32.71 -27.17
N VAL A 246 6.85 -33.25 -26.04
CA VAL A 246 7.30 -34.63 -25.95
C VAL A 246 6.17 -35.58 -26.34
N ALA A 247 4.95 -35.26 -25.90
CA ALA A 247 3.78 -36.06 -26.24
C ALA A 247 3.67 -36.23 -27.75
N LEU A 248 4.09 -35.22 -28.49
CA LEU A 248 4.07 -35.28 -29.95
C LEU A 248 5.18 -36.18 -30.46
N PHE A 249 6.40 -35.94 -29.97
CA PHE A 249 7.54 -36.76 -30.35
C PHE A 249 7.31 -38.23 -29.99
N LYS A 250 6.67 -38.45 -28.85
CA LYS A 250 6.40 -39.81 -28.38
C LYS A 250 5.54 -40.56 -29.39
N GLU A 251 4.67 -39.83 -30.08
CA GLU A 251 3.81 -40.41 -31.10
C GLU A 251 4.60 -40.79 -32.34
N LYS A 252 5.57 -39.96 -32.71
CA LYS A 252 6.40 -40.23 -33.88
C LYS A 252 7.25 -41.46 -33.65
N PHE A 253 7.82 -41.56 -32.45
CA PHE A 253 8.62 -42.73 -32.08
C PHE A 253 7.77 -43.98 -32.11
N ASN A 254 6.56 -43.88 -31.58
CA ASN A 254 5.62 -44.99 -31.58
C ASN A 254 5.30 -45.43 -33.00
N GLU A 255 5.32 -44.47 -33.93
CA GLU A 255 5.09 -44.77 -35.34
C GLU A 255 6.19 -45.63 -35.93
N TYR A 256 7.45 -45.28 -35.63
CA TYR A 256 8.59 -46.04 -36.13
C TYR A 256 8.70 -47.39 -35.44
N TRP A 257 8.22 -47.46 -34.21
CA TRP A 257 8.33 -48.67 -33.39
C TRP A 257 7.62 -49.87 -34.00
N GLU A 258 6.42 -49.66 -34.52
CA GLU A 258 5.64 -50.73 -35.13
C GLU A 258 6.29 -51.27 -36.40
N LYS A 259 6.67 -50.38 -37.30
CA LYS A 259 7.23 -50.76 -38.59
C LYS A 259 8.69 -51.18 -38.47
N ALA A 260 9.12 -51.48 -37.24
CA ALA A 260 10.50 -51.84 -36.96
C ALA A 260 10.63 -53.31 -36.60
N GLU A 261 11.68 -53.95 -37.11
CA GLU A 261 11.91 -55.37 -36.84
C GLU A 261 12.57 -55.56 -35.49
N LYS A 262 12.05 -56.52 -34.72
CA LYS A 262 12.50 -56.78 -33.36
C LYS A 262 13.92 -57.36 -33.29
N VAL A 263 14.50 -57.70 -34.43
CA VAL A 263 15.86 -58.24 -34.46
C VAL A 263 16.85 -57.20 -33.95
N SER B 1 25.70 10.11 -34.48
CA SER B 1 26.48 9.04 -33.87
C SER B 1 25.56 8.05 -33.16
N LYS B 2 26.14 6.95 -32.67
CA LYS B 2 25.38 5.96 -31.93
C LYS B 2 24.91 6.54 -30.60
N ASP B 3 25.65 7.52 -30.10
CA ASP B 3 25.28 8.21 -28.86
C ASP B 3 23.82 8.62 -28.91
N ARG B 4 23.41 9.16 -30.06
CA ARG B 4 22.03 9.58 -30.25
C ARG B 4 21.08 8.40 -30.10
N MET B 5 21.40 7.30 -30.75
CA MET B 5 20.59 6.09 -30.65
C MET B 5 20.45 5.66 -29.21
N VAL B 6 21.58 5.63 -28.50
CA VAL B 6 21.60 5.23 -27.10
C VAL B 6 20.75 6.18 -26.26
N GLU B 7 20.94 7.48 -26.49
CA GLU B 7 20.22 8.51 -25.74
C GLU B 7 18.71 8.39 -25.91
N LEU B 8 18.26 8.01 -27.10
CA LEU B 8 16.84 7.95 -27.40
C LEU B 8 16.17 6.76 -26.72
N LEU B 9 16.90 5.65 -26.61
CA LEU B 9 16.37 4.44 -26.02
C LEU B 9 16.13 4.62 -24.52
N GLN B 10 17.09 5.25 -23.85
CA GLN B 10 17.02 5.44 -22.40
C GLN B 10 15.82 6.29 -21.99
N GLU B 11 15.50 7.30 -22.80
CA GLU B 11 14.50 8.29 -22.44
C GLU B 11 13.07 7.85 -22.73
N HIS B 12 12.87 7.12 -23.83
CA HIS B 12 11.52 6.85 -24.29
C HIS B 12 11.19 5.36 -24.41
N PHE B 13 12.12 4.50 -24.03
CA PHE B 13 11.90 3.07 -24.16
C PHE B 13 12.37 2.27 -22.94
N GLU B 14 12.53 2.96 -21.81
CA GLU B 14 12.76 2.30 -20.53
C GLU B 14 13.97 1.35 -20.55
N LEU B 15 15.02 1.75 -21.26
CA LEU B 15 16.27 1.00 -21.23
C LEU B 15 17.37 1.82 -20.54
N ASN B 16 18.17 1.16 -19.72
CA ASN B 16 19.26 1.85 -19.04
C ASN B 16 20.45 1.99 -19.98
N LEU B 17 21.52 2.59 -19.49
CA LEU B 17 22.70 2.85 -20.30
C LEU B 17 23.24 1.56 -20.92
N TYR B 18 23.53 0.58 -20.07
CA TYR B 18 24.09 -0.69 -20.54
C TYR B 18 23.16 -1.41 -21.51
N GLU B 19 21.89 -1.49 -21.15
CA GLU B 19 20.90 -2.16 -22.00
C GLU B 19 20.79 -1.45 -23.35
N ALA B 20 20.95 -0.14 -23.33
CA ALA B 20 20.87 0.66 -24.55
C ALA B 20 22.04 0.32 -25.48
N ARG B 21 23.25 0.50 -24.97
CA ARG B 21 24.46 0.20 -25.73
C ARG B 21 24.40 -1.22 -26.29
N ALA B 22 23.83 -2.13 -25.53
CA ALA B 22 23.73 -3.53 -25.93
C ALA B 22 22.89 -3.71 -27.19
N TYR B 23 21.67 -3.19 -27.17
CA TYR B 23 20.75 -3.35 -28.29
C TYR B 23 21.30 -2.73 -29.57
N VAL B 24 21.94 -1.57 -29.44
CA VAL B 24 22.53 -0.89 -30.58
C VAL B 24 23.58 -1.80 -31.22
N ALA B 25 24.41 -2.41 -30.37
CA ALA B 25 25.44 -3.34 -30.84
C ALA B 25 24.83 -4.55 -31.53
N LEU B 26 23.69 -5.01 -31.01
CA LEU B 26 23.02 -6.18 -31.58
C LEU B 26 22.57 -5.93 -33.01
N VAL B 27 21.95 -4.78 -33.25
CA VAL B 27 21.48 -4.44 -34.58
C VAL B 27 22.66 -4.22 -35.51
N ALA B 28 23.74 -3.69 -34.96
CA ALA B 28 24.94 -3.37 -35.74
C ALA B 28 25.68 -4.62 -36.22
N PHE B 29 25.78 -5.62 -35.36
CA PHE B 29 26.60 -6.80 -35.65
C PHE B 29 25.78 -8.05 -35.93
N GLY B 30 24.47 -7.98 -35.70
CA GLY B 30 23.59 -9.07 -36.03
C GLY B 30 23.42 -10.12 -34.94
N VAL B 31 24.46 -10.92 -34.73
CA VAL B 31 24.42 -11.95 -33.70
C VAL B 31 25.67 -11.87 -32.83
N LEU B 32 25.47 -11.78 -31.52
CA LEU B 32 26.59 -11.62 -30.60
C LEU B 32 26.44 -12.48 -29.35
N THR B 33 27.57 -12.87 -28.78
CA THR B 33 27.60 -13.53 -27.48
C THR B 33 28.09 -12.54 -26.43
N PRO B 34 27.78 -12.80 -25.16
CA PRO B 34 28.14 -11.91 -24.06
C PRO B 34 29.61 -11.48 -24.13
N ALA B 35 30.50 -12.43 -24.42
CA ALA B 35 31.93 -12.14 -24.50
C ALA B 35 32.22 -11.18 -25.65
N GLU B 36 31.52 -11.36 -26.76
CA GLU B 36 31.73 -10.52 -27.95
C GLU B 36 31.27 -9.09 -27.71
N LEU B 37 30.15 -8.94 -26.99
CA LEU B 37 29.58 -7.62 -26.72
C LEU B 37 30.57 -6.70 -26.01
N ALA B 38 31.44 -7.29 -25.20
CA ALA B 38 32.42 -6.53 -24.44
C ALA B 38 33.48 -5.92 -25.36
N SER B 39 33.74 -6.60 -26.47
CA SER B 39 34.78 -6.18 -27.40
C SER B 39 34.28 -5.18 -28.43
N VAL B 40 32.96 -5.14 -28.62
CA VAL B 40 32.37 -4.27 -29.63
C VAL B 40 31.43 -3.25 -28.99
N SER B 41 31.63 -2.98 -27.71
CA SER B 41 30.81 -1.99 -27.02
C SER B 41 31.54 -1.46 -25.79
N GLU B 42 30.85 -0.62 -25.01
CA GLU B 42 31.43 -0.05 -23.80
C GLU B 42 30.80 -0.67 -22.56
N VAL B 43 30.04 -1.74 -22.76
CA VAL B 43 29.40 -2.45 -21.66
C VAL B 43 30.43 -3.33 -20.96
N PRO B 44 30.58 -3.18 -19.64
CA PRO B 44 31.52 -3.98 -18.86
C PRO B 44 31.32 -5.48 -19.08
N ALA B 45 32.44 -6.19 -19.24
CA ALA B 45 32.40 -7.64 -19.47
C ALA B 45 31.47 -8.36 -18.49
N PRO B 46 31.65 -8.14 -17.18
CA PRO B 46 30.86 -8.86 -16.17
C PRO B 46 29.36 -8.64 -16.30
N ARG B 47 28.95 -7.53 -16.90
CA ARG B 47 27.54 -7.18 -16.97
C ARG B 47 26.88 -7.67 -18.27
N THR B 48 27.68 -8.02 -19.25
CA THR B 48 27.16 -8.38 -20.57
C THR B 48 26.21 -9.57 -20.52
N TYR B 49 26.31 -10.37 -19.47
CA TYR B 49 25.52 -11.59 -19.35
C TYR B 49 24.10 -11.30 -18.86
N ASP B 50 23.98 -10.42 -17.87
CA ASP B 50 22.67 -10.10 -17.31
C ASP B 50 21.98 -9.02 -18.11
N VAL B 51 22.77 -8.23 -18.83
CA VAL B 51 22.23 -7.18 -19.68
C VAL B 51 21.48 -7.81 -20.85
N LEU B 52 22.17 -8.69 -21.58
CA LEU B 52 21.57 -9.37 -22.72
C LEU B 52 20.39 -10.23 -22.27
N ARG B 53 20.54 -10.85 -21.10
CA ARG B 53 19.48 -11.66 -20.52
C ARG B 53 18.31 -10.77 -20.12
N SER B 54 18.62 -9.56 -19.71
CA SER B 54 17.60 -8.59 -19.33
C SER B 54 16.80 -8.18 -20.55
N LEU B 55 17.52 -7.94 -21.66
CA LEU B 55 16.88 -7.61 -22.93
C LEU B 55 16.03 -8.78 -23.38
N GLU B 56 16.47 -9.98 -23.02
CA GLU B 56 15.77 -11.21 -23.37
C GLU B 56 14.34 -11.20 -22.82
N LYS B 57 14.18 -10.58 -21.66
CA LYS B 57 12.88 -10.54 -20.99
C LYS B 57 12.02 -9.37 -21.46
N LYS B 58 12.66 -8.26 -21.80
CA LYS B 58 11.94 -7.08 -22.25
C LYS B 58 11.46 -7.20 -23.70
N GLY B 59 12.02 -8.18 -24.41
CA GLY B 59 11.58 -8.46 -25.78
C GLY B 59 12.36 -7.74 -26.86
N PHE B 60 13.62 -7.41 -26.57
CA PHE B 60 14.44 -6.71 -27.54
C PHE B 60 15.38 -7.66 -28.27
N ALA B 61 15.62 -8.82 -27.70
CA ALA B 61 16.55 -9.78 -28.29
C ALA B 61 16.08 -11.21 -28.12
N MET B 62 16.52 -12.08 -29.03
CA MET B 62 16.25 -13.51 -28.95
C MET B 62 17.52 -14.24 -28.56
N THR B 63 17.39 -15.42 -27.97
CA THR B 63 18.55 -16.11 -27.42
C THR B 63 18.62 -17.59 -27.76
N GLN B 64 19.84 -18.12 -27.77
CA GLN B 64 20.09 -19.55 -27.89
C GLN B 64 20.70 -20.09 -26.60
N PRO B 65 19.85 -20.59 -25.69
CA PRO B 65 20.31 -21.09 -24.39
C PRO B 65 21.32 -22.22 -24.53
N GLY B 66 22.57 -21.95 -24.16
CA GLY B 66 23.61 -22.96 -24.22
C GLY B 66 24.88 -22.57 -23.48
N LYS B 67 25.92 -23.37 -23.65
CA LYS B 67 27.22 -23.08 -23.05
C LYS B 67 27.69 -21.70 -23.50
N THR B 68 27.36 -21.35 -24.74
CA THR B 68 27.65 -20.02 -25.27
C THR B 68 26.36 -19.39 -25.78
N ASN B 69 25.70 -18.63 -24.90
CA ASN B 69 24.42 -18.02 -25.25
C ASN B 69 24.55 -17.05 -26.41
N LYS B 70 23.87 -17.34 -27.50
CA LYS B 70 23.81 -16.45 -28.65
C LYS B 70 22.56 -15.58 -28.58
N TYR B 71 22.74 -14.28 -28.80
CA TYR B 71 21.61 -13.35 -28.78
C TYR B 71 21.55 -12.57 -30.08
N ARG B 72 20.35 -12.49 -30.67
CA ARG B 72 20.14 -11.67 -31.85
C ARG B 72 19.03 -10.67 -31.57
N PRO B 73 19.16 -9.44 -32.08
CA PRO B 73 18.18 -8.40 -31.84
C PRO B 73 16.89 -8.60 -32.63
N VAL B 74 15.77 -8.19 -32.05
CA VAL B 74 14.50 -8.18 -32.76
C VAL B 74 14.46 -6.93 -33.62
N HIS B 75 13.78 -7.01 -34.75
CA HIS B 75 13.69 -5.88 -35.66
C HIS B 75 13.12 -4.66 -34.94
N PRO B 76 13.91 -3.58 -34.88
CA PRO B 76 13.53 -2.37 -34.14
C PRO B 76 12.18 -1.82 -34.59
N ALA B 77 11.81 -2.10 -35.84
CA ALA B 77 10.50 -1.70 -36.35
C ALA B 77 9.40 -2.47 -35.66
N ASN B 78 9.76 -3.58 -35.01
CA ASN B 78 8.80 -4.41 -34.31
C ASN B 78 8.74 -4.04 -32.83
N VAL B 79 9.85 -4.24 -32.12
CA VAL B 79 9.89 -4.04 -30.68
C VAL B 79 9.50 -2.61 -30.31
N LEU B 80 10.05 -1.64 -31.03
CA LEU B 80 9.83 -0.23 -30.71
C LEU B 80 8.36 0.15 -30.69
N GLU B 81 7.56 -0.49 -31.54
CA GLU B 81 6.14 -0.17 -31.61
C GLU B 81 5.34 -0.93 -30.56
N LYS B 82 5.64 -2.21 -30.38
CA LYS B 82 4.96 -3.01 -29.36
C LYS B 82 5.18 -2.40 -27.98
N PHE B 83 6.36 -1.82 -27.78
CA PHE B 83 6.66 -1.13 -26.54
C PHE B 83 5.69 0.03 -26.36
N ILE B 84 5.53 0.83 -27.41
CA ILE B 84 4.59 1.94 -27.39
C ILE B 84 3.19 1.40 -27.16
N GLN B 85 2.84 0.36 -27.90
CA GLN B 85 1.53 -0.25 -27.79
C GLN B 85 1.26 -0.75 -26.38
N ASP B 86 2.27 -1.37 -25.77
CA ASP B 86 2.16 -1.80 -24.38
C ASP B 86 2.19 -0.61 -23.44
N TRP B 87 3.06 0.35 -23.75
CA TRP B 87 3.18 1.55 -22.94
C TRP B 87 1.85 2.28 -22.89
N GLN B 88 1.12 2.26 -24.00
CA GLN B 88 -0.20 2.87 -24.07
C GLN B 88 -1.18 2.06 -23.23
N GLU B 89 -0.95 0.75 -23.18
CA GLU B 89 -1.80 -0.15 -22.40
C GLU B 89 -1.58 0.01 -20.90
N ARG B 90 -0.32 0.24 -20.51
CA ARG B 90 0.01 0.41 -19.10
C ARG B 90 -0.46 1.76 -18.59
N VAL B 91 -0.42 2.77 -19.45
CA VAL B 91 -0.85 4.11 -19.08
C VAL B 91 -2.37 4.14 -18.90
N LYS B 92 -3.07 3.37 -19.73
CA LYS B 92 -4.53 3.31 -19.65
C LYS B 92 -4.96 2.78 -18.29
N GLU B 93 -4.33 1.70 -17.85
CA GLU B 93 -4.67 1.07 -16.58
C GLU B 93 -4.25 1.96 -15.40
N GLU B 94 -3.13 2.65 -15.56
CA GLU B 94 -2.65 3.57 -14.53
C GLU B 94 -3.63 4.72 -14.37
N LEU B 95 -4.26 5.11 -15.47
CA LEU B 95 -5.28 6.15 -15.45
C LEU B 95 -6.49 5.68 -14.66
N GLU B 96 -6.93 4.45 -14.95
CA GLU B 96 -8.09 3.87 -14.28
C GLU B 96 -7.90 3.87 -12.77
N ALA B 97 -6.66 3.70 -12.33
CA ALA B 97 -6.34 3.69 -10.90
C ALA B 97 -6.50 5.07 -10.29
N LYS B 98 -6.10 6.09 -11.05
CA LYS B 98 -6.17 7.47 -10.58
C LYS B 98 -7.61 7.95 -10.42
N LYS B 99 -8.49 7.50 -11.31
CA LYS B 99 -9.88 7.93 -11.25
C LYS B 99 -10.61 7.23 -10.11
N LYS B 100 -10.39 5.93 -9.97
CA LYS B 100 -10.98 5.17 -8.87
C LYS B 100 -10.48 5.70 -7.53
N ALA B 101 -9.21 6.13 -7.51
CA ALA B 101 -8.65 6.71 -6.31
C ALA B 101 -9.31 8.06 -6.01
N LYS B 102 -9.59 8.82 -7.06
CA LYS B 102 -10.24 10.11 -6.91
C LYS B 102 -11.63 9.94 -6.31
N GLU B 103 -12.38 9.00 -6.86
CA GLU B 103 -13.74 8.74 -6.41
C GLU B 103 -13.77 8.32 -4.95
N GLU B 104 -12.83 7.47 -4.56
CA GLU B 104 -12.77 6.99 -3.19
C GLU B 104 -12.46 8.15 -2.24
N LEU B 105 -11.48 8.97 -2.60
CA LEU B 105 -11.12 10.12 -1.80
C LEU B 105 -12.29 11.10 -1.67
N LEU B 106 -12.99 11.31 -2.77
CA LEU B 106 -14.14 12.22 -2.78
C LEU B 106 -15.29 11.62 -1.98
N GLU B 107 -15.30 10.29 -1.86
CA GLU B 107 -16.30 9.60 -1.07
C GLU B 107 -15.97 9.67 0.41
N LEU B 108 -14.70 9.42 0.73
CA LEU B 108 -14.25 9.43 2.11
C LEU B 108 -14.22 10.84 2.67
N MET B 109 -13.97 11.82 1.80
CA MET B 109 -13.83 13.21 2.24
C MET B 109 -15.17 13.94 2.30
N ALA B 110 -16.18 13.39 1.64
CA ALA B 110 -17.49 14.02 1.59
C ALA B 110 -17.97 14.41 2.99
N PRO B 111 -17.96 13.46 3.93
CA PRO B 111 -18.39 13.77 5.29
C PRO B 111 -17.40 14.70 6.01
N LEU B 112 -16.13 14.63 5.63
CA LEU B 112 -15.09 15.42 6.30
C LEU B 112 -15.04 16.84 5.76
N ILE B 113 -15.24 16.99 4.45
CA ILE B 113 -15.19 18.31 3.83
C ILE B 113 -16.36 19.14 4.32
N GLU B 114 -16.07 20.27 4.95
CA GLU B 114 -17.10 21.17 5.44
C GLU B 114 -16.72 22.64 5.24
N THR B 115 -17.73 23.50 5.22
CA THR B 115 -17.56 24.91 4.94
C THR B 115 -16.97 25.68 6.12
N GLU B 116 -16.36 24.95 7.06
CA GLU B 116 -15.72 25.61 8.19
C GLU B 116 -14.66 26.57 7.68
N VAL B 117 -14.82 27.86 7.98
CA VAL B 117 -13.86 28.86 7.52
C VAL B 117 -13.42 29.78 8.63
N PRO B 118 -12.45 29.32 9.44
CA PRO B 118 -11.85 30.08 10.54
C PRO B 118 -11.07 31.29 10.01
N LYS B 119 -10.87 32.34 10.80
CA LYS B 119 -11.25 32.44 12.22
C LYS B 119 -10.30 31.54 13.02
N TYR B 120 -9.00 31.72 12.72
CA TYR B 120 -7.89 30.91 13.24
C TYR B 120 -8.28 29.45 13.57
N GLY B 121 -8.08 29.01 14.82
CA GLY B 121 -8.43 27.65 15.22
C GLY B 121 -9.85 27.28 14.81
N VAL B 122 -10.20 25.99 14.82
CA VAL B 122 -9.37 24.87 15.26
C VAL B 122 -9.29 24.83 16.79
N GLU B 123 -9.31 26.00 17.43
CA GLU B 123 -9.37 26.07 18.88
C GLU B 123 -10.79 26.44 19.30
N ARG B 124 -11.41 25.60 20.11
CA ARG B 124 -12.77 25.86 20.57
C ARG B 124 -12.78 26.23 22.05
N VAL B 125 -11.60 26.34 22.64
CA VAL B 125 -11.48 26.72 24.03
C VAL B 125 -10.30 27.67 24.20
N TRP B 126 -10.54 28.84 24.77
CA TRP B 126 -9.50 29.83 24.99
C TRP B 126 -9.58 30.41 26.40
N VAL B 127 -8.41 30.62 27.02
CA VAL B 127 -8.34 31.18 28.35
C VAL B 127 -7.79 32.60 28.32
N VAL B 128 -8.58 33.54 28.83
CA VAL B 128 -8.23 34.95 28.81
C VAL B 128 -8.21 35.49 30.25
N ARG B 129 -7.22 36.31 30.56
CA ARG B 129 -7.10 36.88 31.90
C ARG B 129 -7.00 38.39 31.88
N GLY B 130 -5.93 38.91 31.26
CA GLY B 130 -5.71 40.34 31.20
C GLY B 130 -6.92 41.15 30.77
N ILE B 131 -6.90 42.45 31.09
CA ILE B 131 -7.99 43.34 30.74
C ILE B 131 -7.92 43.62 29.24
N LYS B 132 -6.69 43.78 28.73
CA LYS B 132 -6.46 44.02 27.31
C LYS B 132 -6.95 42.82 26.50
N ASN B 133 -6.55 41.63 26.92
CA ASN B 133 -6.92 40.40 26.21
C ASN B 133 -8.41 40.13 26.33
N SER B 134 -9.00 40.54 27.45
CA SER B 134 -10.42 40.36 27.69
C SER B 134 -11.23 41.16 26.67
N THR B 135 -10.81 42.39 26.43
CA THR B 135 -11.52 43.29 25.53
C THR B 135 -11.38 42.87 24.07
N LEU B 136 -10.16 42.53 23.68
CA LEU B 136 -9.87 42.13 22.30
C LEU B 136 -10.71 40.94 21.87
N LYS B 137 -10.77 39.93 22.73
CA LYS B 137 -11.55 38.72 22.43
C LYS B 137 -13.04 39.02 22.48
N THR B 138 -13.41 40.03 23.27
CA THR B 138 -14.81 40.43 23.38
C THR B 138 -15.28 41.10 22.10
N LYS B 139 -14.41 41.93 21.52
CA LYS B 139 -14.74 42.62 20.28
C LYS B 139 -14.86 41.65 19.12
N GLU B 140 -13.97 40.67 19.07
CA GLU B 140 -13.99 39.66 18.03
C GLU B 140 -15.33 38.92 17.98
N MET B 141 -15.88 38.61 19.15
CA MET B 141 -17.15 37.92 19.23
C MET B 141 -18.28 38.76 18.65
N LEU B 142 -18.28 40.04 19.00
CA LEU B 142 -19.33 40.95 18.55
C LEU B 142 -19.18 41.32 17.07
N GLU B 143 -17.95 41.56 16.64
CA GLU B 143 -17.69 41.96 15.27
C GLU B 143 -17.75 40.78 14.30
N GLU B 144 -18.13 39.61 14.81
CA GLU B 144 -18.20 38.41 13.98
C GLU B 144 -19.55 37.73 14.13
N ALA B 145 -20.37 38.24 15.04
CA ALA B 145 -21.72 37.73 15.24
C ALA B 145 -22.55 37.86 13.97
N GLN B 146 -23.48 36.95 13.76
CA GLN B 146 -24.29 36.94 12.54
C GLN B 146 -25.78 36.70 12.83
N ASN B 147 -26.08 35.95 13.88
CA ASN B 147 -27.46 35.60 14.20
C ASN B 147 -27.97 36.36 15.41
N GLU B 148 -27.41 36.07 16.58
CA GLU B 148 -27.89 36.66 17.82
C GLU B 148 -26.75 37.02 18.76
N ILE B 149 -26.95 38.09 19.54
CA ILE B 149 -25.98 38.50 20.53
C ILE B 149 -26.69 38.64 21.88
N LEU B 150 -26.36 37.75 22.79
CA LEU B 150 -26.95 37.75 24.13
C LEU B 150 -25.92 38.15 25.17
N LEU B 151 -26.24 39.15 25.98
CA LEU B 151 -25.30 39.64 26.97
C LEU B 151 -25.91 39.69 28.38
N ALA B 152 -25.20 39.12 29.33
CA ALA B 152 -25.59 39.19 30.74
C ALA B 152 -24.42 39.74 31.54
N ASP B 153 -24.41 41.05 31.73
CA ASP B 153 -23.28 41.72 32.37
C ASP B 153 -23.61 42.17 33.79
N ASP B 154 -22.71 41.87 34.72
CA ASP B 154 -22.83 42.34 36.10
C ASP B 154 -21.60 43.14 36.48
N GLY B 155 -20.94 43.72 35.48
CA GLY B 155 -19.75 44.53 35.69
C GLY B 155 -18.46 43.75 35.59
N PHE B 156 -18.55 42.53 35.06
CA PHE B 156 -17.37 41.70 34.87
C PHE B 156 -16.64 42.07 33.58
N ILE B 157 -17.35 42.73 32.67
CA ILE B 157 -16.73 43.26 31.47
C ILE B 157 -15.85 44.45 31.85
N ALA B 158 -14.64 44.48 31.30
CA ALA B 158 -13.67 45.49 31.67
C ALA B 158 -14.01 46.86 31.10
N VAL B 159 -14.63 46.87 29.92
CA VAL B 159 -14.93 48.13 29.24
C VAL B 159 -16.33 48.11 28.64
N ASN B 160 -16.94 49.30 28.54
CA ASN B 160 -18.22 49.44 27.87
C ASN B 160 -18.03 49.25 26.37
N LEU B 161 -18.96 48.55 25.74
CA LEU B 161 -18.83 48.19 24.33
C LEU B 161 -20.05 48.60 23.51
N GLU B 162 -20.70 49.69 23.91
CA GLU B 162 -21.88 50.19 23.22
C GLU B 162 -21.66 50.26 21.71
N ASP B 163 -20.51 50.80 21.31
CA ASP B 163 -20.20 50.96 19.90
C ASP B 163 -19.96 49.61 19.23
N ASP B 164 -19.27 48.72 19.93
CA ASP B 164 -19.01 47.37 19.43
C ASP B 164 -20.30 46.59 19.28
N ILE B 165 -21.26 46.88 20.16
CA ILE B 165 -22.57 46.24 20.11
C ILE B 165 -23.40 46.84 18.99
N ILE B 166 -23.45 48.18 18.95
CA ILE B 166 -24.21 48.88 17.91
C ILE B 166 -23.67 48.52 16.55
N LYS B 167 -22.33 48.44 16.44
CA LYS B 167 -21.68 48.08 15.19
C LYS B 167 -22.22 46.76 14.66
N ALA B 168 -22.57 45.85 15.57
CA ALA B 168 -23.13 44.57 15.20
C ALA B 168 -24.64 44.68 14.95
N VAL B 169 -25.32 45.42 15.80
CA VAL B 169 -26.76 45.59 15.70
C VAL B 169 -27.14 46.18 14.35
N ASP B 170 -26.40 47.20 13.93
CA ASP B 170 -26.63 47.84 12.64
C ASP B 170 -26.31 46.89 11.49
N ARG B 171 -25.60 45.80 11.82
CA ARG B 171 -25.24 44.80 10.81
C ARG B 171 -26.36 43.77 10.66
N GLY B 172 -27.47 44.00 11.35
CA GLY B 172 -28.63 43.13 11.26
C GLY B 172 -28.61 42.01 12.28
N VAL B 173 -27.89 42.24 13.38
CA VAL B 173 -27.76 41.21 14.41
C VAL B 173 -28.77 41.44 15.53
N LYS B 174 -29.64 40.45 15.74
CA LYS B 174 -30.58 40.48 16.86
C LYS B 174 -29.82 40.46 18.18
N THR B 175 -30.16 41.38 19.08
CA THR B 175 -29.41 41.54 20.32
C THR B 175 -30.30 41.62 21.56
N LYS B 176 -29.88 40.93 22.62
CA LYS B 176 -30.55 41.02 23.91
C LYS B 176 -29.56 41.43 24.99
N ILE B 177 -29.89 42.51 25.72
CA ILE B 177 -29.01 43.01 26.77
C ILE B 177 -29.67 42.89 28.14
N LEU B 178 -28.95 42.29 29.08
CA LEU B 178 -29.42 42.14 30.45
C LEU B 178 -28.39 42.71 31.43
N LEU B 179 -28.81 43.65 32.26
CA LEU B 179 -27.88 44.32 33.17
C LEU B 179 -28.38 44.35 34.61
N THR B 180 -27.43 44.47 35.53
CA THR B 180 -27.74 44.68 36.94
C THR B 180 -28.13 46.14 37.16
N LYS B 181 -29.13 46.36 38.01
CA LYS B 181 -29.69 47.70 38.19
C LYS B 181 -28.67 48.69 38.76
N ASN B 182 -27.53 48.18 39.22
CA ASN B 182 -26.44 49.03 39.69
C ASN B 182 -25.53 49.43 38.53
N LEU B 183 -26.05 49.30 37.31
CA LEU B 183 -25.30 49.66 36.11
C LEU B 183 -26.08 50.64 35.25
N LEU B 184 -27.41 50.62 35.40
CA LEU B 184 -28.28 51.49 34.64
C LEU B 184 -27.88 52.97 34.72
N PRO B 185 -27.55 53.46 35.93
CA PRO B 185 -27.09 54.84 36.07
C PRO B 185 -25.86 55.18 35.22
N ARG B 186 -25.07 54.17 34.86
CA ARG B 186 -23.89 54.37 34.03
C ARG B 186 -24.25 54.42 32.55
N LEU B 187 -25.53 54.26 32.24
CA LEU B 187 -25.97 54.17 30.84
C LEU B 187 -26.83 55.36 30.46
N LYS B 188 -26.91 56.35 31.34
CA LYS B 188 -27.70 57.55 31.08
C LYS B 188 -27.16 58.34 29.90
N ALA B 189 -25.84 58.50 29.83
CA ALA B 189 -25.23 59.26 28.73
C ALA B 189 -25.01 58.38 27.52
N SER B 190 -24.86 57.08 27.77
CA SER B 190 -24.70 56.11 26.69
C SER B 190 -25.99 56.03 25.86
N LYS B 191 -25.84 56.04 24.54
CA LYS B 191 -27.01 56.03 23.66
C LYS B 191 -27.28 54.64 23.10
N ILE B 192 -27.36 53.67 24.00
CA ILE B 192 -27.80 52.32 23.65
C ILE B 192 -29.29 52.26 23.91
N ILE B 193 -29.71 52.94 24.98
CA ILE B 193 -31.12 53.00 25.33
C ILE B 193 -31.91 53.56 24.16
N ASP B 194 -31.26 54.41 23.38
CA ASP B 194 -31.88 54.95 22.17
C ASP B 194 -32.32 53.81 21.27
N TYR B 195 -31.39 52.90 21.00
CA TYR B 195 -31.68 51.69 20.24
C TYR B 195 -32.71 50.83 20.96
N ALA B 196 -32.69 50.87 22.28
CA ALA B 196 -33.64 50.12 23.10
C ALA B 196 -35.03 50.77 23.02
N LYS B 197 -35.08 52.07 23.28
CA LYS B 197 -36.34 52.80 23.23
C LYS B 197 -36.88 52.83 21.80
N GLU B 198 -35.98 52.92 20.83
CA GLU B 198 -36.35 52.94 19.43
C GLU B 198 -36.70 51.54 18.95
N GLY B 199 -36.42 50.55 19.78
CA GLY B 199 -36.73 49.17 19.47
C GLY B 199 -35.78 48.50 18.49
N LYS B 200 -34.55 48.99 18.44
CA LYS B 200 -33.53 48.40 17.59
C LYS B 200 -32.88 47.19 18.29
N LEU B 201 -33.13 47.08 19.59
CA LEU B 201 -32.64 45.95 20.37
C LEU B 201 -33.44 45.84 21.66
N GLU B 202 -33.28 44.73 22.37
CA GLU B 202 -34.02 44.51 23.61
C GLU B 202 -33.11 44.70 24.81
N LEU B 203 -33.54 45.55 25.75
CA LEU B 203 -32.76 45.83 26.95
C LEU B 203 -33.61 45.66 28.20
N ARG B 204 -33.23 44.69 29.03
CA ARG B 204 -33.92 44.47 30.30
C ARG B 204 -32.93 44.54 31.44
N ALA B 205 -33.43 44.49 32.67
CA ALA B 205 -32.57 44.58 33.85
C ALA B 205 -33.07 43.69 34.97
N LEU B 206 -32.13 43.18 35.77
CA LEU B 206 -32.46 42.35 36.91
C LEU B 206 -31.61 42.77 38.11
N ASP B 207 -32.13 42.57 39.31
CA ASP B 207 -31.41 42.94 40.52
C ASP B 207 -30.04 42.26 40.57
N LYS B 208 -30.04 40.93 40.51
CA LYS B 208 -28.79 40.18 40.54
C LYS B 208 -28.91 38.79 39.90
N PHE B 209 -27.77 38.27 39.48
CA PHE B 209 -27.67 36.93 38.92
C PHE B 209 -26.21 36.47 39.02
N ASP B 210 -26.01 35.19 39.30
CA ASP B 210 -24.67 34.70 39.60
C ASP B 210 -24.01 33.99 38.42
N LEU B 211 -24.55 34.21 37.23
CA LEU B 211 -23.94 33.64 36.02
C LEU B 211 -23.93 34.63 34.86
N PRO B 212 -23.01 35.60 34.92
CA PRO B 212 -22.82 36.55 33.81
C PRO B 212 -22.33 35.82 32.56
N MET B 213 -22.68 36.31 31.39
CA MET B 213 -22.30 35.62 30.15
C MET B 213 -22.42 36.52 28.92
N LEU B 214 -21.67 36.17 27.88
CA LEU B 214 -21.78 36.84 26.59
C LEU B 214 -21.85 35.80 25.47
N ILE B 215 -23.06 35.60 24.95
CA ILE B 215 -23.27 34.59 23.92
C ILE B 215 -23.32 35.24 22.54
N CYS B 216 -22.41 34.84 21.67
CA CYS B 216 -22.39 35.31 20.29
C CYS B 216 -22.39 34.14 19.32
N ASP B 217 -23.58 33.79 18.82
CA ASP B 217 -23.73 32.66 17.91
C ASP B 217 -23.35 31.36 18.62
N GLU B 218 -22.39 30.63 18.04
CA GLU B 218 -21.96 29.36 18.59
C GLU B 218 -20.92 29.53 19.70
N GLU B 219 -20.48 30.77 19.91
CA GLU B 219 -19.46 31.05 20.91
C GLU B 219 -20.08 31.57 22.21
N VAL B 220 -19.40 31.32 23.33
CA VAL B 220 -19.85 31.80 24.62
C VAL B 220 -18.66 32.27 25.45
N PHE B 221 -18.89 33.30 26.26
CA PHE B 221 -17.82 33.88 27.06
C PHE B 221 -18.28 34.13 28.49
N PHE B 222 -17.57 33.52 29.44
CA PHE B 222 -17.93 33.65 30.85
C PHE B 222 -16.67 33.65 31.71
N ALA B 223 -16.83 33.98 32.99
CA ALA B 223 -15.72 34.07 33.91
C ALA B 223 -15.84 33.06 35.05
N LEU B 224 -14.70 32.57 35.53
CA LEU B 224 -14.67 31.69 36.69
C LEU B 224 -14.67 32.55 37.96
N GLU B 225 -15.84 32.66 38.58
CA GLU B 225 -16.06 33.62 39.66
C GLU B 225 -14.96 33.62 40.72
N ASP B 226 -14.26 34.75 40.83
CA ASP B 226 -13.28 34.96 41.88
C ASP B 226 -13.26 36.46 42.20
N LEU B 227 -14.25 36.89 42.98
CA LEU B 227 -14.49 38.31 43.22
C LEU B 227 -13.21 39.06 43.63
N ALA B 228 -12.33 38.38 44.35
CA ALA B 228 -11.06 38.97 44.74
C ALA B 228 -10.25 39.40 43.52
N ALA B 229 -10.26 38.56 42.49
CA ALA B 229 -9.49 38.83 41.28
C ALA B 229 -10.17 39.86 40.38
N ARG B 230 -11.50 39.78 40.28
CA ARG B 230 -12.25 40.69 39.42
C ARG B 230 -11.95 42.15 39.74
N TYR B 231 -11.76 42.43 41.03
CA TYR B 231 -11.41 43.77 41.46
C TYR B 231 -10.05 44.16 40.89
N PHE B 232 -9.12 43.21 40.89
CA PHE B 232 -7.78 43.43 40.36
C PHE B 232 -7.75 43.23 38.84
N ASN B 233 -8.94 43.05 38.26
CA ASN B 233 -9.08 42.86 36.83
C ASN B 233 -8.12 41.79 36.29
N TYR B 234 -8.01 40.68 37.03
CA TYR B 234 -7.18 39.56 36.61
C TYR B 234 -7.97 38.27 36.72
N GLU B 235 -9.29 38.41 36.83
CA GLU B 235 -10.17 37.26 36.92
C GLU B 235 -10.05 36.39 35.68
N THR B 236 -10.10 35.08 35.87
CA THR B 236 -9.93 34.14 34.76
C THR B 236 -11.23 33.92 33.99
N GLN B 237 -11.18 34.10 32.68
CA GLN B 237 -12.36 33.96 31.84
C GLN B 237 -12.13 32.91 30.75
N VAL B 238 -13.20 32.26 30.31
CA VAL B 238 -13.07 31.16 29.37
C VAL B 238 -13.96 31.34 28.14
N TRP B 239 -13.36 31.12 26.97
CA TRP B 239 -14.10 31.19 25.71
C TRP B 239 -14.28 29.80 25.10
N ILE B 240 -15.52 29.43 24.85
CA ILE B 240 -15.84 28.10 24.34
C ILE B 240 -16.73 28.18 23.10
N LYS B 241 -16.36 27.44 22.06
CA LYS B 241 -17.13 27.41 20.82
C LYS B 241 -17.72 26.02 20.57
N ASP B 242 -19.01 25.88 20.89
CA ASP B 242 -19.70 24.61 20.71
C ASP B 242 -21.20 24.81 20.86
N HIS B 243 -21.97 24.26 19.93
CA HIS B 243 -23.40 24.49 19.89
C HIS B 243 -24.11 23.80 21.06
N ARG B 244 -23.56 22.67 21.50
CA ARG B 244 -24.14 21.93 22.62
C ARG B 244 -24.01 22.71 23.93
N VAL B 245 -22.84 23.28 24.16
CA VAL B 245 -22.59 24.05 25.37
C VAL B 245 -23.38 25.36 25.35
N VAL B 246 -23.29 26.09 24.25
CA VAL B 246 -23.99 27.37 24.12
C VAL B 246 -25.50 27.17 24.23
N ALA B 247 -26.00 26.11 23.62
CA ALA B 247 -27.41 25.77 23.70
C ALA B 247 -27.85 25.65 25.15
N LEU B 248 -26.92 25.22 26.01
CA LEU B 248 -27.18 25.10 27.44
C LEU B 248 -27.23 26.47 28.09
N PHE B 249 -26.21 27.28 27.83
CA PHE B 249 -26.16 28.65 28.36
C PHE B 249 -27.37 29.46 27.92
N LYS B 250 -27.81 29.24 26.67
CA LYS B 250 -28.94 29.96 26.13
C LYS B 250 -30.20 29.71 26.94
N GLU B 251 -30.30 28.52 27.52
CA GLU B 251 -31.44 28.18 28.37
C GLU B 251 -31.37 28.94 29.68
N LYS B 252 -30.15 29.07 30.21
CA LYS B 252 -29.94 29.81 31.46
C LYS B 252 -30.24 31.28 31.24
N PHE B 253 -29.80 31.82 30.11
CA PHE B 253 -30.05 33.21 29.77
C PHE B 253 -31.55 33.44 29.66
N ASN B 254 -32.24 32.53 28.99
CA ASN B 254 -33.70 32.63 28.88
C ASN B 254 -34.31 32.57 30.27
N GLU B 255 -33.68 31.81 31.15
CA GLU B 255 -34.11 31.73 32.54
C GLU B 255 -33.92 33.10 33.18
N TYR B 256 -32.77 33.69 32.94
CA TYR B 256 -32.47 35.03 33.47
C TYR B 256 -33.27 36.10 32.76
N TRP B 257 -33.62 35.83 31.50
CA TRP B 257 -34.35 36.82 30.71
C TRP B 257 -35.67 37.12 31.39
N GLU B 258 -36.36 36.06 31.82
CA GLU B 258 -37.58 36.22 32.59
C GLU B 258 -37.22 36.80 33.95
N LYS B 259 -38.23 37.22 34.70
CA LYS B 259 -38.00 37.84 35.99
C LYS B 259 -37.21 39.13 35.85
N ALA B 260 -37.10 39.64 34.62
CA ALA B 260 -36.34 40.85 34.36
C ALA B 260 -37.26 41.99 33.97
N GLU B 261 -37.03 43.16 34.57
CA GLU B 261 -37.84 44.34 34.28
C GLU B 261 -37.32 45.09 33.07
N LYS B 262 -38.22 45.46 32.16
CA LYS B 262 -37.83 46.21 30.97
C LYS B 262 -37.42 47.62 31.37
N VAL B 263 -36.23 48.02 30.92
CA VAL B 263 -35.72 49.36 31.25
C VAL B 263 -36.64 50.43 30.65
N SER C 1 -1.68 -12.55 -8.02
CA SER C 1 -1.28 -11.16 -8.23
C SER C 1 0.08 -10.88 -7.59
N LYS C 2 1.14 -11.03 -8.39
CA LYS C 2 2.50 -10.81 -7.91
C LYS C 2 2.64 -9.46 -7.20
N ASP C 3 2.04 -8.43 -7.78
CA ASP C 3 2.08 -7.09 -7.21
C ASP C 3 1.50 -7.11 -5.80
N ARG C 4 0.41 -7.85 -5.63
CA ARG C 4 -0.29 -7.95 -4.36
C ARG C 4 0.58 -8.63 -3.31
N MET C 5 1.18 -9.73 -3.73
CA MET C 5 1.99 -10.58 -2.87
C MET C 5 3.19 -9.83 -2.32
N VAL C 6 3.87 -9.12 -3.22
CA VAL C 6 5.02 -8.31 -2.85
C VAL C 6 4.58 -7.19 -1.93
N GLU C 7 3.38 -6.67 -2.17
CA GLU C 7 2.83 -5.62 -1.34
C GLU C 7 2.64 -6.11 0.09
N LEU C 8 1.96 -7.25 0.24
CA LEU C 8 1.66 -7.82 1.54
C LEU C 8 2.93 -8.19 2.31
N LEU C 9 3.89 -8.80 1.62
CA LEU C 9 5.13 -9.21 2.25
C LEU C 9 5.86 -8.01 2.83
N GLN C 10 5.82 -6.90 2.09
CA GLN C 10 6.47 -5.67 2.52
C GLN C 10 5.73 -5.04 3.69
N GLU C 11 4.41 -5.06 3.64
CA GLU C 11 3.58 -4.37 4.64
C GLU C 11 3.48 -5.10 5.97
N HIS C 12 3.43 -6.43 5.93
CA HIS C 12 3.16 -7.20 7.15
C HIS C 12 4.24 -8.22 7.50
N PHE C 13 5.36 -8.21 6.77
CA PHE C 13 6.40 -9.21 7.03
C PHE C 13 7.82 -8.66 6.94
N GLU C 14 7.96 -7.35 7.11
CA GLU C 14 9.28 -6.73 7.26
C GLU C 14 10.25 -7.15 6.15
N LEU C 15 9.72 -7.41 4.97
CA LEU C 15 10.55 -7.74 3.81
C LEU C 15 10.80 -6.54 2.92
N ASN C 16 12.02 -6.44 2.41
CA ASN C 16 12.38 -5.36 1.50
C ASN C 16 11.69 -5.58 0.16
N LEU C 17 11.76 -4.59 -0.72
CA LEU C 17 11.11 -4.68 -2.02
C LEU C 17 11.62 -5.89 -2.80
N TYR C 18 12.94 -5.94 -2.97
CA TYR C 18 13.58 -7.03 -3.72
C TYR C 18 13.30 -8.37 -3.04
N GLU C 19 13.49 -8.40 -1.72
CA GLU C 19 13.30 -9.62 -0.94
C GLU C 19 11.90 -10.19 -1.13
N ALA C 20 10.91 -9.31 -1.18
CA ALA C 20 9.52 -9.73 -1.36
C ALA C 20 9.36 -10.38 -2.74
N ARG C 21 9.96 -9.76 -3.74
CA ARG C 21 9.92 -10.28 -5.10
C ARG C 21 10.69 -11.59 -5.20
N ALA C 22 11.89 -11.58 -4.65
CA ALA C 22 12.77 -12.76 -4.71
C ALA C 22 12.09 -14.00 -4.16
N TYR C 23 11.50 -13.86 -2.97
CA TYR C 23 10.83 -14.98 -2.33
C TYR C 23 9.73 -15.56 -3.21
N VAL C 24 8.92 -14.68 -3.78
CA VAL C 24 7.85 -15.09 -4.68
C VAL C 24 8.42 -15.91 -5.83
N ALA C 25 9.50 -15.42 -6.42
CA ALA C 25 10.16 -16.11 -7.51
C ALA C 25 10.56 -17.53 -7.10
N LEU C 26 11.15 -17.63 -5.92
CA LEU C 26 11.59 -18.92 -5.39
C LEU C 26 10.40 -19.90 -5.29
N VAL C 27 9.30 -19.41 -4.74
CA VAL C 27 8.11 -20.23 -4.56
C VAL C 27 7.60 -20.75 -5.89
N ALA C 28 7.72 -19.92 -6.94
CA ALA C 28 7.20 -20.26 -8.25
C ALA C 28 7.99 -21.39 -8.92
N PHE C 29 9.32 -21.31 -8.82
CA PHE C 29 10.17 -22.26 -9.54
C PHE C 29 10.80 -23.29 -8.62
N GLY C 30 10.83 -22.99 -7.32
CA GLY C 30 11.36 -23.93 -6.35
C GLY C 30 12.84 -23.79 -6.07
N VAL C 31 13.63 -23.60 -7.12
CA VAL C 31 15.07 -23.42 -6.98
C VAL C 31 15.56 -22.41 -8.00
N LEU C 32 16.36 -21.46 -7.56
CA LEU C 32 16.84 -20.40 -8.44
C LEU C 32 18.28 -20.00 -8.16
N THR C 33 19.05 -19.78 -9.22
CA THR C 33 20.38 -19.22 -9.12
C THR C 33 20.28 -17.70 -9.26
N PRO C 34 21.12 -16.97 -8.51
CA PRO C 34 21.15 -15.50 -8.54
C PRO C 34 21.01 -14.94 -9.96
N ALA C 35 21.67 -15.56 -10.92
CA ALA C 35 21.56 -15.15 -12.32
C ALA C 35 20.17 -15.49 -12.85
N GLU C 36 19.71 -16.70 -12.55
CA GLU C 36 18.40 -17.16 -12.99
C GLU C 36 17.30 -16.27 -12.43
N LEU C 37 17.57 -15.67 -11.27
CA LEU C 37 16.60 -14.80 -10.61
C LEU C 37 16.43 -13.49 -11.36
N ALA C 38 17.55 -12.81 -11.62
CA ALA C 38 17.53 -11.53 -12.31
C ALA C 38 16.80 -11.62 -13.64
N SER C 39 16.95 -12.75 -14.32
CA SER C 39 16.31 -12.95 -15.61
C SER C 39 14.80 -13.06 -15.48
N VAL C 40 14.35 -13.88 -14.53
CA VAL C 40 12.93 -14.17 -14.35
C VAL C 40 12.22 -13.10 -13.54
N SER C 41 12.97 -12.34 -12.75
CA SER C 41 12.37 -11.38 -11.84
C SER C 41 12.79 -9.94 -12.14
N GLU C 42 12.23 -9.01 -11.38
CA GLU C 42 12.54 -7.60 -11.53
C GLU C 42 13.61 -7.15 -10.55
N VAL C 43 14.41 -8.10 -10.09
CA VAL C 43 15.54 -7.80 -9.21
C VAL C 43 16.81 -7.63 -10.03
N PRO C 44 17.50 -6.49 -9.85
CA PRO C 44 18.75 -6.23 -10.57
C PRO C 44 19.77 -7.34 -10.32
N ALA C 45 20.48 -7.75 -11.37
CA ALA C 45 21.47 -8.81 -11.26
C ALA C 45 22.46 -8.58 -10.11
N PRO C 46 23.01 -7.37 -10.02
CA PRO C 46 24.00 -7.07 -8.97
C PRO C 46 23.44 -7.16 -7.55
N ARG C 47 22.12 -7.28 -7.41
CA ARG C 47 21.50 -7.33 -6.09
C ARG C 47 21.00 -8.72 -5.73
N THR C 48 20.83 -9.57 -6.74
CA THR C 48 20.27 -10.91 -6.53
C THR C 48 21.08 -11.73 -5.52
N TYR C 49 22.37 -11.47 -5.45
CA TYR C 49 23.26 -12.26 -4.60
C TYR C 49 23.10 -11.90 -3.13
N ASP C 50 23.31 -10.63 -2.80
CA ASP C 50 23.18 -10.16 -1.42
C ASP C 50 21.75 -10.34 -0.93
N VAL C 51 20.79 -10.09 -1.82
CA VAL C 51 19.38 -10.20 -1.47
C VAL C 51 19.01 -11.61 -1.05
N LEU C 52 19.58 -12.60 -1.73
CA LEU C 52 19.25 -13.99 -1.45
C LEU C 52 19.73 -14.43 -0.07
N ARG C 53 20.94 -14.03 0.30
CA ARG C 53 21.48 -14.36 1.61
C ARG C 53 20.80 -13.52 2.69
N SER C 54 20.20 -12.42 2.27
CA SER C 54 19.40 -11.60 3.18
C SER C 54 18.06 -12.26 3.45
N LEU C 55 17.62 -13.08 2.49
CA LEU C 55 16.36 -13.80 2.62
C LEU C 55 16.55 -15.03 3.51
N GLU C 56 17.78 -15.53 3.56
CA GLU C 56 18.10 -16.67 4.42
C GLU C 56 18.39 -16.18 5.83
N LYS C 57 19.00 -15.01 5.94
CA LYS C 57 19.31 -14.42 7.24
C LYS C 57 18.02 -14.00 7.94
N LYS C 58 16.94 -13.91 7.16
CA LYS C 58 15.62 -13.62 7.71
C LYS C 58 14.81 -14.90 7.83
N GLY C 59 15.31 -15.97 7.22
CA GLY C 59 14.68 -17.27 7.32
C GLY C 59 13.64 -17.57 6.27
N PHE C 60 13.81 -16.98 5.09
CA PHE C 60 12.91 -17.24 3.98
C PHE C 60 13.53 -18.18 2.96
N ALA C 61 14.85 -18.17 2.88
CA ALA C 61 15.57 -19.04 1.94
C ALA C 61 16.72 -19.76 2.62
N MET C 62 17.20 -20.84 1.98
CA MET C 62 18.33 -21.59 2.51
C MET C 62 19.21 -22.13 1.38
N THR C 63 20.52 -21.99 1.54
CA THR C 63 21.48 -22.42 0.54
C THR C 63 21.39 -23.92 0.29
N GLN C 64 21.22 -24.29 -0.98
CA GLN C 64 21.14 -25.68 -1.38
C GLN C 64 22.40 -26.42 -0.95
N PRO C 65 22.26 -27.70 -0.58
CA PRO C 65 23.36 -28.55 -0.12
C PRO C 65 24.52 -28.68 -1.12
N GLY C 66 24.25 -28.41 -2.40
CA GLY C 66 25.25 -28.52 -3.44
C GLY C 66 26.65 -28.08 -3.07
N LYS C 67 26.81 -26.80 -2.75
CA LYS C 67 25.69 -25.87 -2.76
C LYS C 67 25.40 -25.35 -4.16
N THR C 68 26.46 -25.20 -4.96
CA THR C 68 26.32 -24.74 -6.34
C THR C 68 25.72 -23.34 -6.41
N ASN C 69 25.66 -22.68 -5.25
CA ASN C 69 25.14 -21.32 -5.15
C ASN C 69 23.68 -21.24 -5.57
N LYS C 70 22.88 -22.20 -5.10
CA LYS C 70 21.46 -22.24 -5.45
C LYS C 70 20.60 -22.10 -4.19
N TYR C 71 19.49 -21.40 -4.31
CA TYR C 71 18.63 -21.15 -3.16
C TYR C 71 17.24 -21.76 -3.32
N ARG C 72 16.72 -22.34 -2.24
CA ARG C 72 15.35 -22.85 -2.24
C ARG C 72 14.53 -22.08 -1.20
N PRO C 73 13.21 -22.01 -1.41
CA PRO C 73 12.31 -21.27 -0.52
C PRO C 73 11.82 -22.08 0.67
N VAL C 74 11.70 -21.42 1.82
CA VAL C 74 11.07 -22.03 2.98
C VAL C 74 9.57 -21.93 2.82
N HIS C 75 8.88 -23.07 2.89
CA HIS C 75 7.45 -23.12 2.61
C HIS C 75 6.69 -22.07 3.43
N PRO C 76 5.92 -21.22 2.74
CA PRO C 76 5.16 -20.12 3.33
C PRO C 76 4.44 -20.51 4.62
N ALA C 77 3.71 -21.62 4.58
CA ALA C 77 2.96 -22.08 5.74
C ALA C 77 3.84 -22.21 6.97
N ASN C 78 5.13 -22.43 6.75
CA ASN C 78 6.09 -22.57 7.84
C ASN C 78 6.73 -21.23 8.19
N VAL C 79 7.38 -20.61 7.21
CA VAL C 79 8.12 -19.37 7.42
C VAL C 79 7.19 -18.25 7.90
N LEU C 80 5.97 -18.25 7.40
CA LEU C 80 5.00 -17.21 7.77
C LEU C 80 4.61 -17.33 9.24
N GLU C 81 4.33 -18.55 9.67
CA GLU C 81 3.94 -18.81 11.05
C GLU C 81 5.10 -18.51 12.00
N LYS C 82 6.31 -18.87 11.57
CA LYS C 82 7.50 -18.66 12.39
C LYS C 82 7.77 -17.18 12.61
N PHE C 83 7.38 -16.36 11.64
CA PHE C 83 7.55 -14.91 11.75
C PHE C 83 6.60 -14.31 12.78
N ILE C 84 5.35 -14.76 12.76
CA ILE C 84 4.34 -14.26 13.69
C ILE C 84 4.69 -14.63 15.12
N GLN C 85 4.95 -15.91 15.34
CA GLN C 85 5.28 -16.42 16.67
C GLN C 85 6.51 -15.71 17.24
N ASP C 86 7.58 -15.68 16.48
CA ASP C 86 8.80 -15.01 16.91
C ASP C 86 8.55 -13.52 17.13
N TRP C 87 7.49 -13.01 16.50
CA TRP C 87 7.09 -11.62 16.66
C TRP C 87 6.30 -11.45 17.95
N GLN C 88 5.29 -12.31 18.14
CA GLN C 88 4.49 -12.26 19.35
C GLN C 88 5.36 -12.40 20.60
N GLU C 89 6.34 -13.30 20.54
CA GLU C 89 7.21 -13.54 21.67
C GLU C 89 8.10 -12.31 21.89
N ARG C 90 8.45 -11.65 20.79
CA ARG C 90 9.20 -10.41 20.87
C ARG C 90 8.30 -9.29 21.39
N VAL C 91 7.00 -9.43 21.15
CA VAL C 91 6.01 -8.48 21.64
C VAL C 91 5.80 -8.67 23.14
N LYS C 92 5.50 -9.90 23.53
CA LYS C 92 5.35 -10.24 24.95
C LYS C 92 6.61 -9.88 25.72
N GLU C 93 7.76 -10.06 25.06
CA GLU C 93 9.04 -9.73 25.65
C GLU C 93 9.13 -8.22 25.87
N GLU C 94 8.39 -7.46 25.06
CA GLU C 94 8.39 -6.01 25.14
C GLU C 94 7.39 -5.52 26.19
N LEU C 95 6.21 -6.12 26.21
CA LEU C 95 5.16 -5.74 27.15
C LEU C 95 5.67 -5.77 28.58
N GLU C 96 6.43 -6.80 28.91
CA GLU C 96 7.00 -6.91 30.24
C GLU C 96 8.04 -5.82 30.45
N ALA C 97 8.82 -5.54 29.41
CA ALA C 97 9.82 -4.48 29.47
C ALA C 97 9.16 -3.14 29.77
N LYS C 98 8.02 -2.89 29.14
CA LYS C 98 7.26 -1.67 29.40
C LYS C 98 6.75 -1.64 30.84
N LYS C 99 6.08 -2.71 31.25
CA LYS C 99 5.52 -2.81 32.59
C LYS C 99 6.60 -2.71 33.65
N LYS C 100 7.81 -3.15 33.31
CA LYS C 100 8.93 -3.07 34.25
C LYS C 100 9.50 -1.66 34.26
N ALA C 101 9.51 -1.01 33.10
CA ALA C 101 9.99 0.36 32.99
C ALA C 101 9.03 1.32 33.69
N LYS C 102 7.75 0.97 33.65
CA LYS C 102 6.71 1.79 34.28
C LYS C 102 6.94 1.95 35.78
N GLU C 103 7.16 0.83 36.46
CA GLU C 103 7.33 0.85 37.91
C GLU C 103 8.61 1.59 38.30
N GLU C 104 9.65 1.43 37.51
CA GLU C 104 10.93 2.07 37.79
C GLU C 104 10.81 3.59 37.70
N LEU C 105 9.98 4.05 36.77
CA LEU C 105 9.74 5.48 36.62
C LEU C 105 8.99 6.03 37.82
N LEU C 106 7.93 5.33 38.23
CA LEU C 106 7.09 5.77 39.34
C LEU C 106 7.90 5.92 40.63
N GLU C 107 8.93 5.09 40.79
CA GLU C 107 9.76 5.16 41.99
C GLU C 107 10.81 6.25 41.84
N LEU C 108 11.14 6.59 40.59
CA LEU C 108 12.09 7.65 40.32
C LEU C 108 11.42 9.01 40.37
N MET C 109 10.12 9.02 40.07
CA MET C 109 9.36 10.27 40.05
C MET C 109 8.65 10.49 41.37
N ALA C 110 8.77 9.52 42.28
CA ALA C 110 8.18 9.63 43.61
C ALA C 110 8.60 10.92 44.31
N PRO C 111 9.92 11.16 44.40
CA PRO C 111 10.41 12.39 45.04
C PRO C 111 9.87 13.65 44.38
N LEU C 112 9.70 13.58 43.06
CA LEU C 112 9.25 14.72 42.28
C LEU C 112 7.78 15.04 42.58
N ILE C 113 6.98 13.99 42.77
CA ILE C 113 5.55 14.15 42.97
C ILE C 113 5.25 14.71 44.35
N GLU C 114 4.99 16.01 44.41
CA GLU C 114 4.59 16.67 45.65
C GLU C 114 3.81 17.94 45.34
N THR C 115 3.27 18.02 44.12
CA THR C 115 2.51 19.18 43.68
C THR C 115 1.03 18.84 43.47
N GLU C 116 0.77 17.70 42.83
CA GLU C 116 -0.60 17.23 42.62
C GLU C 116 -1.34 17.09 43.94
N VAL C 122 -4.99 24.89 42.28
CA VAL C 122 -5.06 26.33 42.06
C VAL C 122 -5.91 26.63 40.84
N GLU C 123 -5.35 26.39 39.65
CA GLU C 123 -6.06 26.59 38.40
C GLU C 123 -7.36 25.80 38.41
N ARG C 124 -8.38 26.31 37.73
CA ARG C 124 -9.70 25.71 37.78
C ARG C 124 -10.23 25.32 36.40
N VAL C 125 -9.36 25.36 35.41
CA VAL C 125 -9.75 24.97 34.06
C VAL C 125 -8.57 24.36 33.31
N TRP C 126 -8.81 23.23 32.67
CA TRP C 126 -7.79 22.55 31.87
C TRP C 126 -8.41 21.95 30.61
N VAL C 127 -7.58 21.73 29.61
CA VAL C 127 -8.05 21.17 28.35
C VAL C 127 -7.34 19.85 28.06
N VAL C 128 -8.10 18.86 27.62
CA VAL C 128 -7.55 17.55 27.29
C VAL C 128 -7.88 17.19 25.86
N ARG C 129 -6.87 16.76 25.10
CA ARG C 129 -7.06 16.44 23.69
C ARG C 129 -7.34 14.96 23.49
N GLY C 130 -8.42 14.65 22.78
CA GLY C 130 -8.76 13.28 22.48
C GLY C 130 -9.73 12.66 23.45
N ILE C 131 -10.79 12.05 22.94
CA ILE C 131 -11.79 11.40 23.78
C ILE C 131 -11.17 10.17 24.43
N LYS C 132 -10.04 9.72 23.89
CA LYS C 132 -9.37 8.54 24.41
C LYS C 132 -8.45 8.91 25.57
N ASN C 133 -8.41 10.20 25.90
CA ASN C 133 -7.58 10.67 27.01
C ASN C 133 -8.45 11.24 28.13
N SER C 134 -9.76 11.09 27.97
CA SER C 134 -10.72 11.63 28.92
C SER C 134 -10.48 11.10 30.33
N THR C 135 -10.18 9.81 30.43
CA THR C 135 -10.03 9.15 31.72
C THR C 135 -8.79 9.63 32.47
N LEU C 136 -7.86 10.23 31.75
CA LEU C 136 -6.62 10.72 32.37
C LEU C 136 -6.92 11.86 33.33
N LYS C 137 -8.11 12.44 33.22
CA LYS C 137 -8.52 13.53 34.10
C LYS C 137 -9.76 13.14 34.91
N THR C 138 -10.64 12.35 34.29
CA THR C 138 -11.88 11.93 34.96
C THR C 138 -11.57 11.06 36.16
N LYS C 139 -10.38 10.47 36.18
CA LYS C 139 -9.96 9.62 37.29
C LYS C 139 -9.71 10.47 38.53
N GLU C 140 -8.96 11.56 38.37
CA GLU C 140 -8.69 12.47 39.47
C GLU C 140 -9.98 13.04 40.04
N MET C 141 -10.99 13.20 39.19
CA MET C 141 -12.28 13.70 39.63
C MET C 141 -13.02 12.67 40.48
N LEU C 142 -12.77 11.40 40.21
CA LEU C 142 -13.41 10.32 40.94
C LEU C 142 -12.71 10.05 42.27
N GLU C 143 -11.40 10.32 42.30
CA GLU C 143 -10.63 10.15 43.52
C GLU C 143 -10.85 11.31 44.48
N GLU C 144 -11.18 12.47 43.95
CA GLU C 144 -11.38 13.66 44.75
C GLU C 144 -12.83 13.84 45.16
N ALA C 145 -13.70 12.96 44.67
CA ALA C 145 -15.12 13.03 45.00
C ALA C 145 -15.34 12.79 46.49
N GLN C 146 -16.29 13.52 47.06
CA GLN C 146 -16.59 13.42 48.48
C GLN C 146 -18.09 13.41 48.77
N ASN C 147 -18.85 14.15 47.96
CA ASN C 147 -20.27 14.34 48.25
C ASN C 147 -21.17 13.79 47.13
N GLU C 148 -20.99 14.28 45.91
CA GLU C 148 -21.88 13.92 44.81
C GLU C 148 -21.10 13.56 43.56
N ILE C 149 -21.65 12.61 42.80
CA ILE C 149 -21.07 12.21 41.52
C ILE C 149 -22.17 12.00 40.50
N LEU C 150 -22.15 12.80 39.44
CA LEU C 150 -23.13 12.67 38.37
C LEU C 150 -22.43 12.34 37.05
N LEU C 151 -22.78 11.20 36.47
CA LEU C 151 -22.10 10.71 35.29
C LEU C 151 -23.07 10.39 34.16
N ALA C 152 -22.83 11.00 33.00
CA ALA C 152 -23.57 10.68 31.79
C ALA C 152 -22.59 10.20 30.72
N ASP C 153 -22.33 8.89 30.72
CA ASP C 153 -21.30 8.33 29.87
C ASP C 153 -21.85 7.93 28.51
N ASP C 154 -21.08 8.24 27.46
CA ASP C 154 -21.41 7.83 26.11
C ASP C 154 -20.60 6.58 25.76
N GLY C 155 -19.64 6.26 26.62
CA GLY C 155 -18.81 5.09 26.45
C GLY C 155 -17.33 5.42 26.44
N PHE C 156 -17.02 6.69 26.70
CA PHE C 156 -15.63 7.16 26.64
C PHE C 156 -15.26 8.02 27.85
N ILE C 157 -16.25 8.64 28.46
CA ILE C 157 -16.00 9.58 29.56
C ILE C 157 -15.42 8.89 30.77
N ALA C 158 -15.98 7.74 31.15
CA ALA C 158 -15.54 7.03 32.35
C ALA C 158 -15.40 5.54 32.08
N VAL C 159 -14.78 5.18 30.98
CA VAL C 159 -14.56 3.78 30.62
C VAL C 159 -13.44 3.18 31.46
N ASN C 160 -13.68 1.99 31.98
CA ASN C 160 -12.67 1.26 32.76
C ASN C 160 -12.34 1.95 34.09
N LEU C 161 -13.29 2.71 34.61
CA LEU C 161 -13.10 3.37 35.90
C LEU C 161 -14.06 2.83 36.95
N GLU C 162 -14.67 1.68 36.68
CA GLU C 162 -15.64 1.09 37.60
C GLU C 162 -15.04 0.82 38.97
N ASP C 163 -13.74 0.51 39.00
CA ASP C 163 -13.06 0.27 40.27
C ASP C 163 -12.92 1.57 41.05
N ASP C 164 -12.60 2.65 40.34
CA ASP C 164 -12.45 3.95 40.96
C ASP C 164 -13.82 4.52 41.33
N ILE C 165 -14.84 4.08 40.60
CA ILE C 165 -16.21 4.50 40.86
C ILE C 165 -16.72 3.85 42.14
N ILE C 166 -16.62 2.53 42.20
CA ILE C 166 -17.07 1.77 43.36
C ILE C 166 -16.33 2.23 44.61
N LYS C 167 -15.03 2.44 44.48
CA LYS C 167 -14.22 2.89 45.60
C LYS C 167 -14.75 4.20 46.16
N ALA C 168 -15.27 5.05 45.28
CA ALA C 168 -15.84 6.33 45.69
C ALA C 168 -17.18 6.13 46.40
N VAL C 169 -18.00 5.24 45.85
CA VAL C 169 -19.31 4.95 46.43
C VAL C 169 -19.14 4.43 47.86
N ASP C 170 -18.16 3.56 48.06
CA ASP C 170 -17.86 3.04 49.38
C ASP C 170 -17.53 4.15 50.36
N ARG C 171 -17.03 5.26 49.83
CA ARG C 171 -16.68 6.42 50.66
C ARG C 171 -17.91 7.30 50.92
N GLY C 172 -19.09 6.74 50.65
CA GLY C 172 -20.34 7.40 50.95
C GLY C 172 -20.66 8.61 50.08
N VAL C 173 -20.36 8.50 48.79
CA VAL C 173 -20.65 9.57 47.85
C VAL C 173 -21.87 9.21 47.02
N LYS C 174 -22.87 10.08 47.01
CA LYS C 174 -24.08 9.84 46.24
C LYS C 174 -23.73 9.78 44.75
N THR C 175 -24.05 8.65 44.13
CA THR C 175 -23.65 8.42 42.74
C THR C 175 -24.83 8.12 41.83
N LYS C 176 -24.99 8.95 40.80
CA LYS C 176 -25.98 8.70 39.75
C LYS C 176 -25.28 8.49 38.42
N ILE C 177 -25.60 7.38 37.76
CA ILE C 177 -24.98 7.05 36.47
C ILE C 177 -26.04 6.91 35.39
N LEU C 178 -25.90 7.72 34.34
CA LEU C 178 -26.80 7.65 33.20
C LEU C 178 -26.04 7.21 31.96
N LEU C 179 -26.55 6.18 31.30
CA LEU C 179 -25.85 5.58 30.16
C LEU C 179 -26.77 5.46 28.94
N THR C 180 -26.16 5.27 27.78
CA THR C 180 -26.89 4.98 26.56
C THR C 180 -27.17 3.48 26.49
N LYS C 181 -28.34 3.12 25.97
CA LYS C 181 -28.78 1.72 25.95
C LYS C 181 -27.74 0.80 25.32
N ASN C 182 -26.89 1.35 24.46
CA ASN C 182 -25.88 0.56 23.76
C ASN C 182 -24.72 0.18 24.69
N LEU C 183 -24.73 0.73 25.89
CA LEU C 183 -23.66 0.47 26.86
C LEU C 183 -24.09 -0.54 27.91
N LEU C 184 -25.36 -0.91 27.90
CA LEU C 184 -25.91 -1.84 28.88
C LEU C 184 -25.19 -3.19 28.90
N PRO C 185 -25.03 -3.83 27.73
CA PRO C 185 -24.38 -5.14 27.63
C PRO C 185 -22.99 -5.19 28.26
N ARG C 186 -22.32 -4.05 28.31
CA ARG C 186 -20.96 -3.98 28.84
C ARG C 186 -20.90 -4.24 30.34
N LEU C 187 -22.00 -3.96 31.03
CA LEU C 187 -22.03 -4.06 32.50
C LEU C 187 -22.42 -5.47 32.98
N LYS C 188 -22.50 -6.41 32.05
CA LYS C 188 -22.88 -7.78 32.39
C LYS C 188 -21.93 -8.35 33.44
N ALA C 189 -22.49 -8.81 34.55
CA ALA C 189 -21.70 -9.40 35.63
C ALA C 189 -20.88 -8.35 36.36
N SER C 190 -21.02 -7.09 35.95
CA SER C 190 -20.29 -5.98 36.58
C SER C 190 -20.80 -5.77 38.00
N LYS C 191 -19.90 -5.38 38.90
CA LYS C 191 -20.27 -5.15 40.29
C LYS C 191 -21.12 -3.90 40.42
N ILE C 192 -21.15 -3.09 39.37
CA ILE C 192 -21.95 -1.87 39.38
C ILE C 192 -23.40 -2.24 39.62
N ILE C 193 -23.86 -3.25 38.89
CA ILE C 193 -25.23 -3.75 39.03
C ILE C 193 -25.43 -4.28 40.45
N ASP C 194 -24.38 -4.92 40.98
CA ASP C 194 -24.43 -5.43 42.34
C ASP C 194 -24.63 -4.29 43.33
N TYR C 195 -24.17 -3.10 42.96
CA TYR C 195 -24.36 -1.90 43.78
C TYR C 195 -25.65 -1.20 43.38
N ALA C 196 -26.15 -1.55 42.20
CA ALA C 196 -27.40 -0.99 41.69
C ALA C 196 -28.58 -1.71 42.32
N LYS C 197 -28.56 -3.04 42.24
CA LYS C 197 -29.63 -3.85 42.82
C LYS C 197 -29.56 -3.80 44.34
N GLU C 198 -28.41 -3.44 44.87
CA GLU C 198 -28.24 -3.27 46.31
C GLU C 198 -28.79 -1.93 46.76
N GLY C 199 -28.96 -1.01 45.80
CA GLY C 199 -29.59 0.27 46.07
C GLY C 199 -28.73 1.32 46.75
N LYS C 200 -27.43 1.30 46.49
CA LYS C 200 -26.54 2.32 47.05
C LYS C 200 -26.08 3.28 45.97
N LEU C 201 -26.61 3.12 44.77
CA LEU C 201 -26.30 4.00 43.65
C LEU C 201 -27.39 3.88 42.60
N GLU C 202 -27.94 5.02 42.19
CA GLU C 202 -28.97 5.04 41.16
C GLU C 202 -28.33 4.88 39.78
N LEU C 203 -28.89 3.99 38.97
CA LEU C 203 -28.34 3.71 37.66
C LEU C 203 -29.46 3.64 36.63
N ARG C 204 -29.58 4.71 35.84
CA ARG C 204 -30.60 4.80 34.82
C ARG C 204 -29.97 4.79 33.43
N ALA C 205 -30.79 4.53 32.42
CA ALA C 205 -30.31 4.49 31.05
C ALA C 205 -31.27 5.23 30.14
N LEU C 206 -30.74 5.83 29.08
CA LEU C 206 -31.56 6.54 28.11
C LEU C 206 -31.04 6.31 26.70
N ASP C 207 -31.85 6.65 25.72
CA ASP C 207 -31.51 6.38 24.33
C ASP C 207 -30.35 7.26 23.88
N LYS C 208 -30.57 8.58 23.87
CA LYS C 208 -29.56 9.52 23.42
C LYS C 208 -29.68 10.86 24.13
N PHE C 209 -28.53 11.45 24.44
CA PHE C 209 -28.48 12.78 25.04
C PHE C 209 -27.30 13.56 24.47
N ASP C 210 -27.54 14.83 24.17
CA ASP C 210 -26.57 15.66 23.44
C ASP C 210 -25.27 15.90 24.19
N LEU C 211 -25.34 16.08 25.51
CA LEU C 211 -24.18 16.54 26.26
C LEU C 211 -23.77 15.58 27.37
N PRO C 212 -22.87 14.64 27.05
CA PRO C 212 -22.24 13.76 28.05
C PRO C 212 -21.37 14.56 29.01
N MET C 213 -21.37 14.21 30.29
CA MET C 213 -20.66 15.00 31.28
C MET C 213 -20.28 14.18 32.51
N LEU C 214 -19.45 14.77 33.37
CA LEU C 214 -19.09 14.16 34.64
C LEU C 214 -18.99 15.23 35.72
N ILE C 215 -19.91 15.18 36.67
CA ILE C 215 -20.00 16.15 37.74
C ILE C 215 -19.60 15.51 39.06
N CYS C 216 -18.61 16.09 39.73
CA CYS C 216 -18.14 15.58 41.02
C CYS C 216 -17.58 16.67 41.90
N ASP C 217 -18.38 17.10 42.86
CA ASP C 217 -17.94 18.10 43.84
C ASP C 217 -17.57 19.42 43.17
N GLU C 218 -18.57 20.06 42.56
CA GLU C 218 -18.40 21.38 41.97
C GLU C 218 -17.38 21.38 40.82
N GLU C 219 -17.02 20.19 40.34
CA GLU C 219 -16.17 20.08 39.17
C GLU C 219 -16.94 19.42 38.04
N VAL C 220 -16.68 19.86 36.81
CA VAL C 220 -17.37 19.31 35.65
C VAL C 220 -16.37 18.95 34.55
N PHE C 221 -16.66 17.87 33.83
CA PHE C 221 -15.82 17.44 32.73
C PHE C 221 -16.70 17.09 31.54
N PHE C 222 -16.47 17.77 30.42
CA PHE C 222 -17.26 17.55 29.22
C PHE C 222 -16.38 17.66 27.98
N ALA C 223 -16.83 17.03 26.90
CA ALA C 223 -16.10 17.08 25.65
C ALA C 223 -16.90 17.85 24.60
N LEU C 224 -16.20 18.67 23.83
CA LEU C 224 -16.83 19.42 22.75
C LEU C 224 -17.05 18.51 21.56
N GLU C 225 -17.67 19.04 20.51
CA GLU C 225 -17.99 18.21 19.35
C GLU C 225 -17.54 18.86 18.05
N ASP C 226 -16.58 18.23 17.39
CA ASP C 226 -16.13 18.64 16.06
C ASP C 226 -15.62 17.42 15.31
N LEU C 227 -16.41 16.96 14.34
CA LEU C 227 -16.12 15.73 13.62
C LEU C 227 -14.73 15.71 13.01
N ALA C 228 -14.30 16.86 12.48
CA ALA C 228 -12.99 16.98 11.87
C ALA C 228 -11.88 16.65 12.87
N ALA C 229 -12.04 17.12 14.10
CA ALA C 229 -11.04 16.93 15.13
C ALA C 229 -10.96 15.48 15.61
N ARG C 230 -12.11 14.81 15.63
CA ARG C 230 -12.18 13.45 16.16
C ARG C 230 -11.48 12.46 15.25
N TYR C 231 -11.45 12.76 13.95
CA TYR C 231 -10.73 11.94 13.00
C TYR C 231 -9.24 11.89 13.36
N PHE C 232 -8.73 13.01 13.88
CA PHE C 232 -7.32 13.13 14.19
C PHE C 232 -7.05 12.82 15.66
N ASN C 233 -8.09 12.38 16.36
CA ASN C 233 -7.98 12.14 17.79
C ASN C 233 -7.49 13.39 18.49
N TYR C 234 -8.16 14.50 18.25
CA TYR C 234 -7.77 15.79 18.80
C TYR C 234 -8.97 16.51 19.38
N GLU C 235 -10.01 15.75 19.71
CA GLU C 235 -11.21 16.33 20.28
C GLU C 235 -10.88 17.08 21.57
N THR C 236 -11.51 18.24 21.75
CA THR C 236 -11.24 19.10 22.89
C THR C 236 -12.14 18.77 24.07
N GLN C 237 -11.53 18.53 25.22
CA GLN C 237 -12.29 18.25 26.44
C GLN C 237 -11.90 19.26 27.52
N VAL C 238 -12.90 19.72 28.27
CA VAL C 238 -12.68 20.80 29.23
C VAL C 238 -12.97 20.36 30.66
N TRP C 239 -12.12 20.81 31.58
CA TRP C 239 -12.36 20.61 33.00
C TRP C 239 -12.58 21.96 33.67
N ILE C 240 -13.76 22.16 34.25
CA ILE C 240 -14.09 23.44 34.85
C ILE C 240 -14.44 23.28 36.32
N LYS C 241 -13.75 24.04 37.16
CA LYS C 241 -14.02 24.03 38.59
C LYS C 241 -14.71 25.33 38.99
N ASP C 242 -16.04 25.31 39.00
CA ASP C 242 -16.83 26.49 39.34
C ASP C 242 -18.26 26.10 39.70
N HIS C 243 -18.70 26.53 40.87
CA HIS C 243 -20.03 26.17 41.37
C HIS C 243 -21.14 26.69 40.46
N ARG C 244 -20.94 27.90 39.93
CA ARG C 244 -21.96 28.51 39.07
C ARG C 244 -22.10 27.74 37.77
N VAL C 245 -20.97 27.30 37.21
CA VAL C 245 -20.98 26.54 35.97
C VAL C 245 -21.51 25.13 36.23
N VAL C 246 -20.91 24.46 37.21
CA VAL C 246 -21.30 23.11 37.56
C VAL C 246 -22.79 23.05 37.87
N ALA C 247 -23.29 24.05 38.58
CA ALA C 247 -24.70 24.12 38.90
C ALA C 247 -25.53 24.13 37.62
N LEU C 248 -24.99 24.75 36.58
CA LEU C 248 -25.66 24.81 35.29
C LEU C 248 -25.74 23.43 34.65
N PHE C 249 -24.60 22.74 34.59
CA PHE C 249 -24.56 21.40 34.04
C PHE C 249 -25.45 20.46 34.85
N LYS C 250 -25.46 20.67 36.16
CA LYS C 250 -26.25 19.82 37.05
C LYS C 250 -27.73 19.94 36.71
N GLU C 251 -28.16 21.14 36.31
CA GLU C 251 -29.54 21.36 35.89
C GLU C 251 -29.86 20.53 34.66
N LYS C 252 -28.89 20.41 33.76
CA LYS C 252 -29.05 19.63 32.54
C LYS C 252 -29.08 18.14 32.85
N PHE C 253 -28.18 17.71 33.72
CA PHE C 253 -28.13 16.31 34.13
C PHE C 253 -29.46 15.90 34.77
N ASN C 254 -29.92 16.70 35.72
CA ASN C 254 -31.18 16.44 36.39
C ASN C 254 -32.33 16.38 35.38
N GLU C 255 -32.16 17.07 34.26
CA GLU C 255 -33.15 17.04 33.19
C GLU C 255 -33.16 15.67 32.52
N TYR C 256 -31.98 15.22 32.11
CA TYR C 256 -31.84 13.90 31.50
C TYR C 256 -32.25 12.77 32.44
N TRP C 257 -31.99 12.97 33.73
CA TRP C 257 -32.22 11.93 34.73
C TRP C 257 -33.68 11.52 34.87
N GLU C 258 -34.58 12.47 34.69
CA GLU C 258 -36.01 12.25 34.87
C GLU C 258 -36.65 11.56 33.67
N LYS C 259 -35.98 11.61 32.53
CA LYS C 259 -36.51 11.00 31.32
C LYS C 259 -35.84 9.65 31.04
N ALA C 260 -34.73 9.40 31.72
CA ALA C 260 -34.01 8.13 31.58
C ALA C 260 -34.85 6.95 32.06
N GLU C 261 -34.44 5.74 31.68
CA GLU C 261 -35.14 4.53 32.10
C GLU C 261 -34.43 3.93 33.31
N LYS C 262 -35.20 3.31 34.20
CA LYS C 262 -34.70 2.83 35.48
C LYS C 262 -33.65 1.72 35.37
N VAL C 263 -33.93 0.70 34.55
CA VAL C 263 -33.00 -0.41 34.38
C VAL C 263 -32.67 -1.05 35.73
N SER D 1 -9.51 10.48 8.31
CA SER D 1 -8.90 10.01 7.07
C SER D 1 -8.30 8.63 7.25
N LYS D 2 -7.43 8.50 8.25
CA LYS D 2 -6.75 7.24 8.53
C LYS D 2 -5.71 6.96 7.44
N ASP D 3 -5.13 5.77 7.50
CA ASP D 3 -4.14 5.34 6.53
C ASP D 3 -4.66 5.43 5.09
N ARG D 4 -5.94 5.12 4.90
CA ARG D 4 -6.46 4.98 3.54
C ARG D 4 -6.40 6.29 2.73
N MET D 5 -6.85 7.41 3.27
CA MET D 5 -6.81 8.64 2.48
C MET D 5 -5.37 9.05 2.20
N VAL D 6 -4.53 9.00 3.23
CA VAL D 6 -3.13 9.35 3.08
C VAL D 6 -2.48 8.37 2.12
N GLU D 7 -2.91 7.11 2.18
CA GLU D 7 -2.39 6.05 1.32
C GLU D 7 -2.61 6.36 -0.16
N LEU D 8 -3.86 6.64 -0.54
CA LEU D 8 -4.20 6.87 -1.93
C LEU D 8 -3.45 8.06 -2.52
N LEU D 9 -3.38 9.14 -1.74
CA LEU D 9 -2.69 10.34 -2.19
C LEU D 9 -1.22 10.06 -2.48
N GLN D 10 -0.59 9.24 -1.65
CA GLN D 10 0.81 8.89 -1.83
C GLN D 10 1.03 8.00 -3.04
N GLU D 11 0.12 7.04 -3.22
CA GLU D 11 0.27 6.03 -4.25
C GLU D 11 -0.10 6.53 -5.64
N HIS D 12 -1.11 7.40 -5.72
CA HIS D 12 -1.66 7.80 -7.01
C HIS D 12 -1.60 9.30 -7.29
N PHE D 13 -0.97 10.06 -6.40
CA PHE D 13 -0.94 11.51 -6.57
C PHE D 13 0.41 12.14 -6.22
N GLU D 14 1.46 11.33 -6.27
CA GLU D 14 2.83 11.80 -6.15
C GLU D 14 3.09 12.70 -4.94
N LEU D 15 2.33 12.48 -3.86
CA LEU D 15 2.57 13.21 -2.62
C LEU D 15 3.38 12.35 -1.64
N ASN D 16 4.32 12.97 -0.95
CA ASN D 16 5.09 12.28 0.08
C ASN D 16 4.23 12.07 1.31
N LEU D 17 4.76 11.36 2.31
CA LEU D 17 4.01 11.05 3.51
C LEU D 17 3.47 12.30 4.20
N TYR D 18 4.35 13.24 4.51
CA TYR D 18 3.95 14.47 5.20
C TYR D 18 2.92 15.25 4.39
N GLU D 19 3.20 15.47 3.11
CA GLU D 19 2.30 16.22 2.25
C GLU D 19 0.91 15.60 2.22
N ALA D 20 0.85 14.26 2.19
CA ALA D 20 -0.41 13.56 2.17
C ALA D 20 -1.22 13.83 3.44
N ARG D 21 -0.54 13.82 4.58
CA ARG D 21 -1.19 14.11 5.85
C ARG D 21 -1.64 15.57 5.91
N ALA D 22 -0.75 16.47 5.54
CA ALA D 22 -1.02 17.91 5.60
C ALA D 22 -2.27 18.27 4.82
N TYR D 23 -2.36 17.79 3.59
CA TYR D 23 -3.51 18.09 2.73
C TYR D 23 -4.79 17.65 3.42
N VAL D 24 -4.79 16.44 3.98
CA VAL D 24 -5.94 15.91 4.69
C VAL D 24 -6.36 16.86 5.80
N ALA D 25 -5.38 17.31 6.58
CA ALA D 25 -5.65 18.23 7.68
C ALA D 25 -6.35 19.49 7.18
N LEU D 26 -5.84 20.04 6.08
CA LEU D 26 -6.42 21.24 5.48
C LEU D 26 -7.88 21.04 5.13
N VAL D 27 -8.18 19.91 4.50
CA VAL D 27 -9.54 19.59 4.08
C VAL D 27 -10.46 19.53 5.28
N ALA D 28 -9.96 19.01 6.39
CA ALA D 28 -10.75 18.81 7.60
C ALA D 28 -11.14 20.12 8.28
N PHE D 29 -10.17 21.03 8.39
CA PHE D 29 -10.37 22.24 9.17
C PHE D 29 -10.56 23.49 8.32
N GLY D 30 -10.14 23.42 7.06
CA GLY D 30 -10.31 24.54 6.15
C GLY D 30 -9.15 25.52 6.15
N VAL D 31 -8.62 25.82 7.34
CA VAL D 31 -7.49 26.72 7.46
C VAL D 31 -6.59 26.25 8.59
N LEU D 32 -5.28 26.20 8.34
CA LEU D 32 -4.34 25.73 9.34
C LEU D 32 -3.03 26.50 9.32
N THR D 33 -2.52 26.82 10.51
CA THR D 33 -1.21 27.40 10.66
C THR D 33 -0.18 26.30 10.88
N PRO D 34 1.03 26.46 10.32
CA PRO D 34 2.11 25.48 10.47
C PRO D 34 2.20 24.91 11.89
N ALA D 35 2.05 25.77 12.89
CA ALA D 35 2.06 25.34 14.28
C ALA D 35 0.81 24.52 14.58
N GLU D 36 -0.34 25.01 14.12
CA GLU D 36 -1.61 24.32 14.32
C GLU D 36 -1.60 22.94 13.66
N LEU D 37 -0.79 22.82 12.61
CA LEU D 37 -0.69 21.56 11.88
C LEU D 37 0.05 20.50 12.70
N ALA D 38 1.25 20.86 13.16
CA ALA D 38 2.07 19.94 13.94
C ALA D 38 1.30 19.43 15.16
N SER D 39 0.48 20.31 15.72
CA SER D 39 -0.33 19.96 16.88
C SER D 39 -1.41 18.94 16.52
N VAL D 40 -2.12 19.21 15.42
CA VAL D 40 -3.25 18.37 15.03
C VAL D 40 -2.82 17.12 14.29
N SER D 41 -1.63 17.15 13.70
CA SER D 41 -1.18 16.04 12.87
C SER D 41 0.10 15.40 13.40
N GLU D 42 0.55 14.35 12.73
CA GLU D 42 1.79 13.67 13.09
C GLU D 42 2.93 14.17 12.22
N VAL D 43 2.77 15.39 11.73
CA VAL D 43 3.84 16.03 10.96
C VAL D 43 4.68 16.86 11.90
N PRO D 44 6.00 16.62 11.91
CA PRO D 44 6.92 17.37 12.78
C PRO D 44 6.85 18.87 12.56
N ALA D 45 6.87 19.63 13.65
CA ALA D 45 6.82 21.09 13.59
C ALA D 45 7.85 21.67 12.61
N PRO D 46 9.11 21.23 12.73
CA PRO D 46 10.17 21.74 11.86
C PRO D 46 9.95 21.45 10.38
N ARG D 47 9.00 20.57 10.06
CA ARG D 47 8.73 20.21 8.68
C ARG D 47 7.45 20.84 8.16
N THR D 48 6.61 21.28 9.09
CA THR D 48 5.29 21.82 8.74
C THR D 48 5.41 22.99 7.76
N TYR D 49 6.49 23.74 7.84
CA TYR D 49 6.68 24.93 7.02
C TYR D 49 7.02 24.59 5.58
N ASP D 50 8.10 23.83 5.38
CA ASP D 50 8.51 23.43 4.05
C ASP D 50 7.44 22.58 3.37
N VAL D 51 6.79 21.73 4.16
CA VAL D 51 5.75 20.86 3.63
C VAL D 51 4.58 21.65 3.06
N LEU D 52 4.22 22.74 3.74
CA LEU D 52 3.07 23.54 3.34
C LEU D 52 3.31 24.25 2.01
N ARG D 53 4.52 24.79 1.82
CA ARG D 53 4.85 25.47 0.58
C ARG D 53 5.04 24.46 -0.54
N SER D 54 5.28 23.21 -0.17
CA SER D 54 5.37 22.12 -1.14
C SER D 54 3.98 21.73 -1.62
N LEU D 55 2.97 21.98 -0.79
CA LEU D 55 1.60 21.65 -1.13
C LEU D 55 0.99 22.69 -2.07
N GLU D 56 1.49 23.92 -2.02
CA GLU D 56 1.02 24.96 -2.91
C GLU D 56 1.75 24.88 -4.24
N LYS D 57 3.03 24.52 -4.19
CA LYS D 57 3.84 24.37 -5.39
C LYS D 57 3.38 23.15 -6.19
N LYS D 58 2.64 22.27 -5.54
CA LYS D 58 2.07 21.10 -6.21
C LYS D 58 0.59 21.34 -6.54
N GLY D 59 0.03 22.39 -5.96
CA GLY D 59 -1.34 22.79 -6.27
C GLY D 59 -2.43 22.17 -5.42
N PHE D 60 -2.09 21.82 -4.18
CA PHE D 60 -3.09 21.26 -3.27
C PHE D 60 -3.54 22.31 -2.25
N ALA D 61 -2.66 23.27 -1.97
CA ALA D 61 -2.98 24.34 -1.04
C ALA D 61 -2.60 25.69 -1.62
N MET D 62 -3.17 26.76 -1.05
CA MET D 62 -2.87 28.10 -1.50
C MET D 62 -2.89 29.07 -0.32
N THR D 63 -1.87 29.92 -0.22
CA THR D 63 -1.79 30.85 0.90
C THR D 63 -2.96 31.82 0.89
N GLN D 64 -3.72 31.82 1.98
CA GLN D 64 -4.85 32.74 2.13
C GLN D 64 -4.37 34.18 2.11
N PRO D 65 -5.17 35.08 1.52
CA PRO D 65 -4.82 36.50 1.51
C PRO D 65 -4.66 37.06 2.93
N GLY D 66 -3.55 37.72 3.20
CA GLY D 66 -3.30 38.29 4.52
C GLY D 66 -2.42 37.42 5.40
N LYS D 67 -1.11 37.67 5.32
CA LYS D 67 -0.13 36.95 6.13
C LYS D 67 -0.07 37.59 7.52
N THR D 68 0.65 36.97 8.46
CA THR D 68 1.37 35.72 8.26
C THR D 68 1.00 34.72 9.35
N ASN D 69 0.49 33.55 8.98
CA ASN D 69 0.19 33.19 7.60
C ASN D 69 -0.66 31.91 7.63
N LYS D 70 -1.77 31.91 6.91
CA LYS D 70 -2.69 30.78 6.93
C LYS D 70 -2.85 30.12 5.56
N TYR D 71 -3.01 28.80 5.56
CA TYR D 71 -3.15 28.04 4.33
C TYR D 71 -4.52 27.40 4.22
N ARG D 72 -5.08 27.42 3.02
CA ARG D 72 -6.36 26.78 2.75
C ARG D 72 -6.18 25.63 1.76
N PRO D 73 -7.08 24.64 1.81
CA PRO D 73 -7.00 23.50 0.91
C PRO D 73 -7.70 23.80 -0.41
N VAL D 74 -7.15 23.33 -1.51
CA VAL D 74 -7.83 23.41 -2.79
C VAL D 74 -8.84 22.28 -2.84
N HIS D 75 -10.11 22.62 -3.06
CA HIS D 75 -11.19 21.64 -3.00
C HIS D 75 -10.86 20.42 -3.85
N PRO D 76 -10.89 19.22 -3.24
CA PRO D 76 -10.52 17.95 -3.86
C PRO D 76 -11.08 17.78 -5.27
N ALA D 77 -12.37 18.05 -5.45
CA ALA D 77 -13.02 17.90 -6.74
C ALA D 77 -12.29 18.68 -7.84
N ASN D 78 -11.59 19.73 -7.45
CA ASN D 78 -10.86 20.56 -8.40
C ASN D 78 -9.41 20.10 -8.56
N VAL D 79 -8.68 20.09 -7.44
CA VAL D 79 -7.25 19.79 -7.47
C VAL D 79 -6.99 18.37 -7.99
N LEU D 80 -7.88 17.45 -7.67
CA LEU D 80 -7.72 16.06 -8.08
C LEU D 80 -7.83 15.91 -9.60
N GLU D 81 -8.86 16.53 -10.17
CA GLU D 81 -9.08 16.46 -11.61
C GLU D 81 -8.00 17.20 -12.39
N LYS D 82 -7.57 18.35 -11.88
CA LYS D 82 -6.57 19.16 -12.56
C LYS D 82 -5.25 18.41 -12.63
N PHE D 83 -5.03 17.53 -11.65
CA PHE D 83 -3.83 16.70 -11.63
C PHE D 83 -3.91 15.64 -12.72
N ILE D 84 -5.09 15.07 -12.87
CA ILE D 84 -5.33 14.05 -13.90
C ILE D 84 -5.13 14.68 -15.28
N GLN D 85 -5.79 15.80 -15.51
CA GLN D 85 -5.69 16.48 -16.79
C GLN D 85 -4.23 16.81 -17.11
N ASP D 86 -3.56 17.46 -16.16
CA ASP D 86 -2.16 17.83 -16.34
C ASP D 86 -1.29 16.58 -16.48
N TRP D 87 -1.79 15.44 -16.01
CA TRP D 87 -1.06 14.18 -16.16
C TRP D 87 -1.28 13.59 -17.53
N GLN D 88 -2.55 13.49 -17.93
CA GLN D 88 -2.90 12.96 -19.25
C GLN D 88 -2.18 13.74 -20.35
N GLU D 89 -2.13 15.06 -20.18
CA GLU D 89 -1.51 15.91 -21.18
C GLU D 89 0.01 15.68 -21.23
N ARG D 90 0.60 15.38 -20.07
CA ARG D 90 2.02 15.05 -20.04
C ARG D 90 2.24 13.67 -20.66
N VAL D 91 1.21 12.83 -20.60
CA VAL D 91 1.25 11.52 -21.22
C VAL D 91 1.12 11.68 -22.72
N LYS D 92 0.11 12.43 -23.15
CA LYS D 92 -0.10 12.71 -24.55
C LYS D 92 1.15 13.33 -25.17
N GLU D 93 1.84 14.16 -24.39
CA GLU D 93 3.08 14.78 -24.82
C GLU D 93 4.17 13.73 -24.98
N GLU D 94 4.07 12.64 -24.23
CA GLU D 94 5.08 11.60 -24.27
C GLU D 94 4.83 10.59 -25.39
N LEU D 95 3.59 10.17 -25.56
CA LEU D 95 3.24 9.22 -26.59
C LEU D 95 3.68 9.71 -27.96
N GLU D 96 3.47 11.01 -28.21
CA GLU D 96 3.86 11.63 -29.46
C GLU D 96 5.39 11.68 -29.55
N ALA D 97 6.02 11.99 -28.42
CA ALA D 97 7.48 12.02 -28.35
C ALA D 97 8.05 10.64 -28.68
N LYS D 98 7.40 9.60 -28.16
CA LYS D 98 7.79 8.23 -28.45
C LYS D 98 7.66 7.93 -29.93
N LYS D 99 6.50 8.23 -30.49
CA LYS D 99 6.23 7.97 -31.90
C LYS D 99 7.22 8.72 -32.79
N LYS D 100 7.68 9.87 -32.31
CA LYS D 100 8.67 10.66 -33.02
C LYS D 100 10.06 10.10 -32.81
N ALA D 101 10.31 9.61 -31.60
CA ALA D 101 11.60 9.01 -31.27
C ALA D 101 11.78 7.69 -32.02
N LYS D 102 10.67 7.00 -32.24
CA LYS D 102 10.68 5.73 -32.95
C LYS D 102 11.21 5.92 -34.37
N GLU D 103 10.69 6.92 -35.06
CA GLU D 103 11.08 7.20 -36.44
C GLU D 103 12.54 7.62 -36.56
N GLU D 104 13.00 8.41 -35.60
CA GLU D 104 14.39 8.88 -35.61
C GLU D 104 15.35 7.71 -35.44
N LEU D 105 14.96 6.75 -34.62
CA LEU D 105 15.77 5.55 -34.41
C LEU D 105 15.78 4.70 -35.68
N LEU D 106 14.59 4.49 -36.25
CA LEU D 106 14.45 3.67 -37.45
C LEU D 106 15.28 4.20 -38.61
N GLU D 107 15.43 5.51 -38.67
CA GLU D 107 16.19 6.15 -39.74
C GLU D 107 17.69 6.12 -39.43
N LEU D 108 18.02 6.01 -38.15
CA LEU D 108 19.41 5.95 -37.72
C LEU D 108 19.98 4.54 -37.84
N MET D 109 19.10 3.54 -37.74
CA MET D 109 19.51 2.15 -37.78
C MET D 109 19.39 1.54 -39.17
N ALA D 110 18.88 2.33 -40.11
CA ALA D 110 18.74 1.88 -41.50
C ALA D 110 20.07 1.37 -42.07
N PRO D 111 21.12 2.18 -41.98
CA PRO D 111 22.44 1.79 -42.49
C PRO D 111 22.97 0.50 -41.86
N LEU D 112 22.68 0.28 -40.59
CA LEU D 112 23.22 -0.87 -39.86
C LEU D 112 22.62 -2.19 -40.31
N ILE D 113 21.32 -2.21 -40.58
CA ILE D 113 20.62 -3.43 -40.91
C ILE D 113 20.94 -3.90 -42.33
N GLU D 114 21.85 -4.87 -42.43
CA GLU D 114 22.19 -5.49 -43.72
C GLU D 114 22.56 -4.44 -44.77
N GLU D 123 20.39 -18.54 -37.71
CA GLU D 123 20.11 -19.96 -37.87
C GLU D 123 20.53 -20.72 -36.62
N ARG D 124 19.81 -21.79 -36.29
CA ARG D 124 18.61 -22.20 -36.99
C ARG D 124 17.46 -22.33 -35.99
N VAL D 125 17.70 -21.87 -34.77
CA VAL D 125 16.71 -21.94 -33.70
C VAL D 125 16.87 -20.77 -32.74
N TRP D 126 15.76 -20.19 -32.32
CA TRP D 126 15.80 -19.08 -31.38
C TRP D 126 14.71 -19.19 -30.33
N VAL D 127 14.94 -18.56 -29.17
CA VAL D 127 14.00 -18.60 -28.06
C VAL D 127 13.53 -17.19 -27.70
N VAL D 128 12.23 -17.05 -27.43
CA VAL D 128 11.65 -15.77 -27.08
C VAL D 128 10.94 -15.86 -25.73
N ARG D 129 11.25 -14.92 -24.84
CA ARG D 129 10.67 -14.90 -23.50
C ARG D 129 9.42 -14.03 -23.44
N GLY D 130 8.34 -14.60 -22.92
CA GLY D 130 7.11 -13.85 -22.74
C GLY D 130 6.11 -14.05 -23.87
N ILE D 131 4.88 -14.39 -23.50
CA ILE D 131 3.82 -14.60 -24.48
C ILE D 131 3.43 -13.29 -25.14
N LYS D 132 3.84 -12.17 -24.54
CA LYS D 132 3.51 -10.85 -25.06
C LYS D 132 4.51 -10.43 -26.15
N ASN D 133 5.49 -11.28 -26.41
CA ASN D 133 6.50 -10.99 -27.42
C ASN D 133 6.45 -11.99 -28.58
N SER D 134 5.41 -12.83 -28.58
CA SER D 134 5.29 -13.88 -29.58
C SER D 134 5.29 -13.32 -31.00
N THR D 135 4.61 -12.20 -31.20
CA THR D 135 4.47 -11.61 -32.53
C THR D 135 5.77 -11.02 -33.06
N LEU D 136 6.74 -10.81 -32.18
CA LEU D 136 8.02 -10.23 -32.59
C LEU D 136 8.79 -11.15 -33.54
N LYS D 137 8.40 -12.42 -33.58
CA LYS D 137 9.05 -13.38 -34.46
C LYS D 137 8.07 -13.97 -35.48
N THR D 138 6.82 -14.14 -35.07
CA THR D 138 5.81 -14.73 -35.94
C THR D 138 5.54 -13.85 -37.15
N LYS D 139 5.84 -12.56 -37.03
CA LYS D 139 5.66 -11.63 -38.14
C LYS D 139 6.69 -11.90 -39.24
N GLU D 140 7.94 -12.03 -38.83
CA GLU D 140 9.03 -12.32 -39.75
C GLU D 140 8.76 -13.62 -40.50
N MET D 141 8.07 -14.54 -39.84
CA MET D 141 7.70 -15.81 -40.45
C MET D 141 6.61 -15.61 -41.50
N LEU D 142 5.77 -14.60 -41.28
CA LEU D 142 4.67 -14.32 -42.18
C LEU D 142 5.14 -13.53 -43.40
N GLU D 143 6.18 -12.72 -43.21
CA GLU D 143 6.75 -11.95 -44.30
C GLU D 143 7.63 -12.83 -45.18
N GLU D 144 8.19 -13.87 -44.58
CA GLU D 144 9.10 -14.76 -45.29
C GLU D 144 8.36 -15.96 -45.88
N ALA D 145 7.07 -16.06 -45.59
CA ALA D 145 6.25 -17.15 -46.12
C ALA D 145 6.21 -17.07 -47.64
N GLN D 146 6.23 -18.23 -48.28
CA GLN D 146 6.25 -18.28 -49.75
C GLN D 146 5.29 -19.33 -50.30
N ASN D 147 5.13 -20.43 -49.58
CA ASN D 147 4.36 -21.56 -50.09
C ASN D 147 3.13 -21.88 -49.24
N GLU D 148 3.35 -22.17 -47.97
CA GLU D 148 2.26 -22.63 -47.11
C GLU D 148 2.27 -21.94 -45.74
N ILE D 149 1.07 -21.73 -45.20
CA ILE D 149 0.92 -21.15 -43.87
C ILE D 149 -0.18 -21.88 -43.10
N LEU D 150 0.21 -22.50 -42.00
CA LEU D 150 -0.74 -23.21 -41.15
C LEU D 150 -0.75 -22.58 -39.76
N LEU D 151 -1.91 -22.11 -39.33
CA LEU D 151 -1.99 -21.37 -38.07
C LEU D 151 -3.06 -21.91 -37.13
N ALA D 152 -2.64 -22.24 -35.91
CA ALA D 152 -3.54 -22.63 -34.84
C ALA D 152 -3.37 -21.67 -33.67
N ASP D 153 -4.14 -20.59 -33.68
CA ASP D 153 -3.95 -19.51 -32.72
C ASP D 153 -4.71 -19.74 -31.42
N ASP D 154 -4.04 -19.48 -30.31
CA ASP D 154 -4.67 -19.57 -29.00
C ASP D 154 -5.11 -18.18 -28.55
N GLY D 155 -4.62 -17.16 -29.26
CA GLY D 155 -4.99 -15.79 -28.97
C GLY D 155 -3.83 -14.86 -28.68
N PHE D 156 -2.61 -15.37 -28.81
CA PHE D 156 -1.42 -14.59 -28.48
C PHE D 156 -0.32 -14.71 -29.53
N ILE D 157 -0.32 -15.83 -30.25
CA ILE D 157 0.74 -16.12 -31.20
C ILE D 157 0.76 -15.14 -32.37
N ALA D 158 -0.41 -14.81 -32.91
CA ALA D 158 -0.49 -13.96 -34.09
C ALA D 158 -1.58 -12.89 -33.94
N VAL D 159 -1.62 -12.23 -32.79
CA VAL D 159 -2.60 -11.19 -32.56
C VAL D 159 -2.22 -9.91 -33.31
N ASN D 160 -3.19 -9.31 -33.98
CA ASN D 160 -2.98 -8.04 -34.69
C ASN D 160 -2.01 -8.19 -35.85
N LEU D 161 -1.92 -9.40 -36.38
CA LEU D 161 -1.08 -9.68 -37.54
C LEU D 161 -1.97 -10.07 -38.71
N GLU D 162 -3.25 -9.78 -38.58
CA GLU D 162 -4.25 -10.13 -39.59
C GLU D 162 -3.88 -9.53 -40.95
N ASP D 163 -3.24 -8.36 -40.91
CA ASP D 163 -2.83 -7.68 -42.13
C ASP D 163 -1.73 -8.44 -42.85
N ASP D 164 -0.78 -8.98 -42.08
CA ASP D 164 0.34 -9.72 -42.65
C ASP D 164 -0.11 -11.07 -43.19
N ILE D 165 -1.18 -11.61 -42.63
CA ILE D 165 -1.73 -12.88 -43.11
C ILE D 165 -2.38 -12.67 -44.47
N ILE D 166 -3.30 -11.72 -44.55
CA ILE D 166 -3.98 -11.41 -45.79
C ILE D 166 -2.96 -10.99 -46.84
N LYS D 167 -2.00 -10.18 -46.42
CA LYS D 167 -0.91 -9.74 -47.30
C LYS D 167 -0.17 -10.92 -47.87
N ALA D 168 -0.02 -11.97 -47.07
CA ALA D 168 0.67 -13.18 -47.50
C ALA D 168 -0.18 -13.98 -48.49
N VAL D 169 -1.47 -14.09 -48.18
CA VAL D 169 -2.41 -14.83 -49.03
C VAL D 169 -2.42 -14.21 -50.43
N ASP D 170 -2.41 -12.88 -50.49
CA ASP D 170 -2.38 -12.18 -51.76
C ASP D 170 -1.14 -12.58 -52.56
N ARG D 171 -0.09 -13.00 -51.86
CA ARG D 171 1.14 -13.45 -52.49
C ARG D 171 1.04 -14.91 -52.91
N GLY D 172 -0.19 -15.43 -52.93
CA GLY D 172 -0.43 -16.79 -53.39
C GLY D 172 0.07 -17.84 -52.44
N VAL D 173 -0.10 -17.60 -51.15
CA VAL D 173 0.32 -18.57 -50.12
C VAL D 173 -0.88 -19.34 -49.59
N LYS D 174 -0.80 -20.66 -49.65
CA LYS D 174 -1.86 -21.52 -49.13
C LYS D 174 -2.00 -21.28 -47.63
N THR D 175 -3.17 -20.87 -47.19
CA THR D 175 -3.38 -20.50 -45.80
C THR D 175 -4.50 -21.29 -45.14
N LYS D 176 -4.16 -21.99 -44.06
CA LYS D 176 -5.14 -22.68 -43.23
C LYS D 176 -5.12 -22.06 -41.85
N ILE D 177 -6.29 -21.65 -41.36
CA ILE D 177 -6.37 -21.01 -40.06
C ILE D 177 -7.29 -21.76 -39.12
N LEU D 178 -6.73 -22.19 -37.99
CA LEU D 178 -7.51 -22.87 -36.96
C LEU D 178 -7.55 -22.03 -35.70
N LEU D 179 -8.75 -21.77 -35.19
CA LEU D 179 -8.93 -20.89 -34.05
C LEU D 179 -9.79 -21.53 -32.95
N THR D 180 -9.69 -20.97 -31.75
CA THR D 180 -10.58 -21.35 -30.66
C THR D 180 -11.86 -20.54 -30.78
N LYS D 181 -12.99 -21.16 -30.46
CA LYS D 181 -14.30 -20.52 -30.64
C LYS D 181 -14.37 -19.15 -29.97
N ASN D 182 -13.53 -18.93 -28.95
CA ASN D 182 -13.55 -17.69 -28.20
C ASN D 182 -12.94 -16.52 -28.98
N LEU D 183 -12.38 -16.82 -30.15
CA LEU D 183 -11.73 -15.79 -30.96
C LEU D 183 -12.63 -15.32 -32.10
N LEU D 184 -13.77 -15.97 -32.27
CA LEU D 184 -14.69 -15.65 -33.35
C LEU D 184 -15.12 -14.18 -33.34
N PRO D 185 -15.60 -13.68 -32.19
CA PRO D 185 -16.08 -12.29 -32.10
C PRO D 185 -15.04 -11.27 -32.54
N ARG D 186 -13.76 -11.59 -32.39
CA ARG D 186 -12.69 -10.67 -32.74
C ARG D 186 -12.58 -10.46 -34.24
N LEU D 187 -12.97 -11.48 -35.00
CA LEU D 187 -12.84 -11.48 -36.45
C LEU D 187 -14.07 -10.90 -37.15
N LYS D 188 -15.01 -10.37 -36.38
CA LYS D 188 -16.25 -9.85 -36.95
C LYS D 188 -15.99 -8.79 -38.02
N ALA D 189 -15.27 -7.74 -37.66
CA ALA D 189 -14.97 -6.67 -38.61
C ALA D 189 -13.68 -6.96 -39.39
N SER D 190 -13.08 -8.11 -39.11
CA SER D 190 -11.85 -8.50 -39.78
C SER D 190 -12.08 -8.81 -41.26
N LYS D 191 -11.11 -8.41 -42.09
CA LYS D 191 -11.17 -8.65 -43.53
C LYS D 191 -10.89 -10.12 -43.85
N ILE D 192 -10.40 -10.85 -42.87
CA ILE D 192 -10.06 -12.27 -43.03
C ILE D 192 -11.25 -13.11 -43.46
N ILE D 193 -12.38 -12.92 -42.79
CA ILE D 193 -13.59 -13.66 -43.11
C ILE D 193 -14.01 -13.38 -44.54
N ASP D 194 -13.81 -12.15 -44.97
CA ASP D 194 -14.12 -11.75 -46.35
C ASP D 194 -13.29 -12.56 -47.33
N TYR D 195 -12.12 -13.01 -46.89
CA TYR D 195 -11.24 -13.82 -47.73
C TYR D 195 -11.55 -15.32 -47.56
N ALA D 196 -12.23 -15.67 -46.48
CA ALA D 196 -12.58 -17.06 -46.23
C ALA D 196 -13.80 -17.47 -47.04
N LYS D 197 -14.88 -16.70 -46.92
CA LYS D 197 -16.10 -16.97 -47.66
C LYS D 197 -15.91 -16.67 -49.14
N GLU D 198 -14.87 -15.89 -49.45
CA GLU D 198 -14.51 -15.63 -50.84
C GLU D 198 -13.74 -16.82 -51.39
N GLY D 199 -13.26 -17.66 -50.47
CA GLY D 199 -12.59 -18.90 -50.83
C GLY D 199 -11.15 -18.75 -51.26
N LYS D 200 -10.46 -17.74 -50.72
CA LYS D 200 -9.05 -17.54 -50.99
C LYS D 200 -8.23 -17.86 -49.74
N LEU D 201 -8.91 -18.33 -48.71
CA LEU D 201 -8.24 -18.72 -47.47
C LEU D 201 -9.15 -19.63 -46.64
N GLU D 202 -8.63 -20.79 -46.27
CA GLU D 202 -9.38 -21.75 -45.45
C GLU D 202 -9.32 -21.35 -43.98
N LEU D 203 -10.48 -21.31 -43.33
CA LEU D 203 -10.56 -20.89 -41.93
C LEU D 203 -11.51 -21.77 -41.12
N ARG D 204 -10.95 -22.69 -40.33
CA ARG D 204 -11.77 -23.57 -39.50
C ARG D 204 -11.55 -23.25 -38.02
N ALA D 205 -12.48 -23.69 -37.18
CA ALA D 205 -12.38 -23.43 -35.75
C ALA D 205 -12.78 -24.65 -34.92
N LEU D 206 -12.15 -24.78 -33.76
CA LEU D 206 -12.48 -25.86 -32.82
C LEU D 206 -12.40 -25.33 -31.38
N ASP D 207 -12.91 -26.10 -30.43
CA ASP D 207 -13.01 -25.65 -29.05
C ASP D 207 -11.64 -25.48 -28.38
N LYS D 208 -10.88 -26.57 -28.26
CA LYS D 208 -9.60 -26.52 -27.58
C LYS D 208 -8.60 -27.51 -28.17
N PHE D 209 -7.33 -27.10 -28.22
CA PHE D 209 -6.26 -27.96 -28.70
C PHE D 209 -5.00 -27.77 -27.86
N ASP D 210 -4.32 -28.87 -27.56
CA ASP D 210 -3.20 -28.85 -26.62
C ASP D 210 -2.01 -28.04 -27.10
N LEU D 211 -1.73 -28.11 -28.41
CA LEU D 211 -0.49 -27.54 -28.93
C LEU D 211 -0.73 -26.48 -30.02
N PRO D 212 -0.85 -25.21 -29.60
CA PRO D 212 -0.92 -24.08 -30.55
C PRO D 212 0.39 -23.89 -31.29
N MET D 213 0.32 -23.56 -32.58
CA MET D 213 1.52 -23.46 -33.40
C MET D 213 1.32 -22.55 -34.61
N LEU D 214 2.41 -22.23 -35.30
CA LEU D 214 2.37 -21.48 -36.55
C LEU D 214 3.42 -21.99 -37.52
N ILE D 215 2.98 -22.63 -38.60
CA ILE D 215 3.92 -23.17 -39.58
C ILE D 215 3.85 -22.40 -40.89
N CYS D 216 4.95 -21.74 -41.25
CA CYS D 216 5.04 -21.03 -42.52
C CYS D 216 6.49 -20.78 -42.94
N ASP D 217 6.99 -21.57 -43.89
CA ASP D 217 6.28 -22.72 -44.42
C ASP D 217 7.14 -23.96 -44.18
N GLU D 218 8.43 -23.72 -43.93
CA GLU D 218 9.36 -24.76 -43.54
C GLU D 218 9.92 -24.39 -42.18
N GLU D 219 9.28 -23.43 -41.55
CA GLU D 219 9.61 -22.96 -40.21
C GLU D 219 8.45 -23.23 -39.25
N VAL D 220 8.76 -23.50 -37.99
CA VAL D 220 7.72 -23.78 -37.01
C VAL D 220 7.91 -22.91 -35.77
N PHE D 221 6.80 -22.48 -35.18
CA PHE D 221 6.83 -21.66 -33.97
C PHE D 221 5.81 -22.16 -32.95
N PHE D 222 6.28 -22.49 -31.76
CA PHE D 222 5.42 -23.01 -30.71
C PHE D 222 5.86 -22.50 -29.34
N ALA D 223 4.93 -22.47 -28.39
CA ALA D 223 5.22 -22.02 -27.03
C ALA D 223 5.09 -23.17 -26.04
N LEU D 224 6.01 -23.24 -25.08
CA LEU D 224 5.96 -24.25 -24.04
C LEU D 224 4.95 -23.87 -22.96
N GLU D 225 4.76 -24.73 -21.98
CA GLU D 225 3.78 -24.49 -20.93
C GLU D 225 4.34 -24.71 -19.53
N ASP D 226 4.42 -23.62 -18.76
CA ASP D 226 4.82 -23.70 -17.36
C ASP D 226 4.15 -22.55 -16.60
N LEU D 227 3.16 -22.91 -15.80
CA LEU D 227 2.33 -21.91 -15.11
C LEU D 227 3.17 -20.93 -14.30
N ALA D 228 4.22 -21.45 -13.67
CA ALA D 228 5.12 -20.61 -12.88
C ALA D 228 5.73 -19.51 -13.74
N ALA D 229 6.10 -19.87 -14.96
CA ALA D 229 6.74 -18.93 -15.87
C ALA D 229 5.77 -17.87 -16.39
N ARG D 230 4.51 -18.26 -16.54
CA ARG D 230 3.51 -17.35 -17.12
C ARG D 230 3.17 -16.19 -16.20
N TYR D 231 3.27 -16.40 -14.88
CA TYR D 231 3.09 -15.30 -13.94
C TYR D 231 4.09 -14.16 -14.16
N PHE D 232 5.30 -14.51 -14.55
CA PHE D 232 6.36 -13.51 -14.69
C PHE D 232 6.50 -13.05 -16.13
N ASN D 233 5.59 -13.51 -16.99
CA ASN D 233 5.68 -13.22 -18.42
C ASN D 233 7.05 -13.64 -18.93
N TYR D 234 7.40 -14.89 -18.66
CA TYR D 234 8.70 -15.43 -19.02
C TYR D 234 8.56 -16.80 -19.67
N GLU D 235 7.36 -17.05 -20.20
CA GLU D 235 7.06 -18.31 -20.87
C GLU D 235 8.04 -18.52 -22.03
N THR D 236 8.48 -19.76 -22.20
CA THR D 236 9.48 -20.08 -23.23
C THR D 236 8.82 -20.43 -24.55
N GLN D 237 9.23 -19.75 -25.61
CA GLN D 237 8.72 -20.01 -26.95
C GLN D 237 9.88 -20.32 -27.89
N VAL D 238 9.69 -21.32 -28.77
CA VAL D 238 10.78 -21.82 -29.60
C VAL D 238 10.50 -21.63 -31.09
N TRP D 239 11.55 -21.24 -31.82
CA TRP D 239 11.49 -21.19 -33.28
C TRP D 239 12.46 -22.20 -33.87
N ILE D 240 11.93 -23.15 -34.63
CA ILE D 240 12.74 -24.22 -35.20
C ILE D 240 12.61 -24.26 -36.72
N LYS D 241 13.74 -24.20 -37.40
CA LYS D 241 13.76 -24.29 -38.86
C LYS D 241 14.30 -25.64 -39.31
N ASP D 242 13.39 -26.59 -39.52
CA ASP D 242 13.78 -27.94 -39.93
C ASP D 242 12.59 -28.68 -40.54
N HIS D 243 12.77 -29.19 -41.75
CA HIS D 243 11.70 -29.86 -42.47
C HIS D 243 11.21 -31.10 -41.72
N ARG D 244 12.15 -31.81 -41.09
CA ARG D 244 11.81 -33.02 -40.35
C ARG D 244 10.96 -32.67 -39.13
N VAL D 245 11.31 -31.58 -38.46
CA VAL D 245 10.56 -31.12 -37.31
C VAL D 245 9.22 -30.57 -37.77
N VAL D 246 9.27 -29.63 -38.70
CA VAL D 246 8.06 -28.99 -39.22
C VAL D 246 7.07 -30.05 -39.72
N ALA D 247 7.59 -31.05 -40.41
CA ALA D 247 6.76 -32.14 -40.92
C ALA D 247 6.03 -32.84 -39.79
N LEU D 248 6.67 -32.93 -38.63
CA LEU D 248 6.07 -33.56 -37.46
C LEU D 248 4.90 -32.74 -36.95
N PHE D 249 5.12 -31.45 -36.77
CA PHE D 249 4.07 -30.55 -36.31
C PHE D 249 2.91 -30.50 -37.31
N LYS D 250 3.23 -30.57 -38.59
CA LYS D 250 2.22 -30.52 -39.64
C LYS D 250 1.27 -31.69 -39.51
N GLU D 251 1.80 -32.84 -39.08
CA GLU D 251 0.96 -34.01 -38.84
C GLU D 251 -0.04 -33.71 -37.74
N LYS D 252 0.41 -32.95 -36.75
CA LYS D 252 -0.44 -32.58 -35.62
C LYS D 252 -1.49 -31.57 -36.06
N PHE D 253 -1.07 -30.60 -36.86
CA PHE D 253 -1.99 -29.59 -37.38
C PHE D 253 -3.08 -30.27 -38.20
N ASN D 254 -2.67 -31.12 -39.13
CA ASN D 254 -3.63 -31.87 -39.95
C ASN D 254 -4.52 -32.72 -39.06
N GLU D 255 -4.00 -33.11 -37.89
CA GLU D 255 -4.78 -33.87 -36.92
C GLU D 255 -5.87 -33.00 -36.32
N TYR D 256 -5.49 -31.84 -35.82
CA TYR D 256 -6.45 -30.89 -35.28
C TYR D 256 -7.44 -30.48 -36.37
N TRP D 257 -6.93 -30.42 -37.59
CA TRP D 257 -7.69 -29.97 -38.74
C TRP D 257 -8.87 -30.87 -39.05
N GLU D 258 -8.78 -32.15 -38.69
CA GLU D 258 -9.79 -33.11 -39.07
C GLU D 258 -11.07 -32.95 -38.26
N LYS D 259 -10.94 -32.45 -37.03
CA LYS D 259 -12.10 -32.17 -36.20
C LYS D 259 -12.34 -30.67 -36.08
N ALA D 260 -12.80 -30.05 -37.15
CA ALA D 260 -13.13 -28.63 -37.10
C ALA D 260 -14.35 -28.31 -37.96
N GLU D 261 -14.97 -27.18 -37.68
CA GLU D 261 -16.10 -26.72 -38.45
C GLU D 261 -15.65 -25.67 -39.46
N LYS D 262 -16.29 -25.64 -40.62
CA LYS D 262 -15.88 -24.73 -41.68
C LYS D 262 -16.08 -23.30 -41.19
N VAL D 263 -17.26 -23.05 -40.64
CA VAL D 263 -17.61 -21.76 -40.07
C VAL D 263 -17.36 -20.64 -41.07
C1 GOL G . -3.92 8.20 22.71
O1 GOL G . -2.73 8.58 22.04
C2 GOL G . -3.58 7.15 23.76
O2 GOL G . -2.18 7.06 23.93
C3 GOL G . -4.22 7.53 25.10
O3 GOL G . -3.94 6.54 26.05
H11 GOL G . -4.36 9.07 23.18
H12 GOL G . -4.63 7.79 22.00
HO1 GOL G . -2.96 9.20 21.32
H2 GOL G . -3.98 6.19 23.45
HO2 GOL G . -1.83 7.93 24.23
H31 GOL G . -3.83 8.49 25.43
H32 GOL G . -5.30 7.63 24.97
HO3 GOL G . -3.05 6.68 26.42
#